data_5EH6
# 
_entry.id   5EH6 
# 
_audit_conform.dict_name       mmcif_pdbx.dic 
_audit_conform.dict_version    5.379 
_audit_conform.dict_location   http://mmcif.pdb.org/dictionaries/ascii/mmcif_pdbx.dic 
# 
loop_
_database_2.database_id 
_database_2.database_code 
_database_2.pdbx_database_accession 
_database_2.pdbx_DOI 
PDB   5EH6         pdb_00005eh6 10.2210/pdb5eh6/pdb 
WWPDB D_1000214088 ?            ?                   
# 
_pdbx_database_related.db_name        PDB 
_pdbx_database_related.details        '5EH4 is the same peptide crystallised as dimer' 
_pdbx_database_related.db_id          5EH4 
_pdbx_database_related.content_type   unspecified 
# 
_pdbx_database_status.status_code                     REL 
_pdbx_database_status.status_code_sf                  REL 
_pdbx_database_status.status_code_mr                  ? 
_pdbx_database_status.entry_id                        5EH6 
_pdbx_database_status.recvd_initial_deposition_date   2015-10-28 
_pdbx_database_status.SG_entry                        N 
_pdbx_database_status.deposit_site                    RCSB 
_pdbx_database_status.process_site                    RCSB 
_pdbx_database_status.status_code_cs                  ? 
_pdbx_database_status.methods_development_category    ? 
_pdbx_database_status.pdb_format_compatible           Y 
_pdbx_database_status.status_code_nmr_data            ? 
# 
loop_
_audit_author.name 
_audit_author.pdbx_ordinal 
'Call, M.J.'  1 
'Call, M.E.'  2 
'Trenker, R.' 3 
# 
_citation.abstract                  ? 
_citation.abstract_id_CAS           ? 
_citation.book_id_ISBN              ? 
_citation.book_publisher            ? 
_citation.book_publisher_city       ? 
_citation.book_title                ? 
_citation.coordinate_linkage        ? 
_citation.country                   US 
_citation.database_id_Medline       ? 
_citation.details                   ? 
_citation.id                        primary 
_citation.journal_abbrev            J.Am.Chem.Soc. 
_citation.journal_id_ASTM           JACSAT 
_citation.journal_id_CSD            ? 
_citation.journal_id_ISSN           1520-5126 
_citation.journal_full              ? 
_citation.journal_issue             ? 
_citation.journal_volume            137 
_citation.language                  ? 
_citation.page_first                15676 
_citation.page_last                 15679 
_citation.title                     'Crystal Structure of the Glycophorin A Transmembrane Dimer in Lipidic Cubic Phase.' 
_citation.year                      2015 
_citation.database_id_CSD           ? 
_citation.pdbx_database_id_DOI      10.1021/jacs.5b11354 
_citation.pdbx_database_id_PubMed   26642914 
_citation.unpublished_flag          ? 
# 
loop_
_citation_author.citation_id 
_citation_author.name 
_citation_author.ordinal 
_citation_author.identifier_ORCID 
primary 'Trenker, R.' 1 ? 
primary 'Call, M.E.'  2 ? 
primary 'Call, M.J.'  3 ? 
# 
_cell.angle_alpha                  90.00 
_cell.angle_alpha_esd              ? 
_cell.angle_beta                   90.00 
_cell.angle_beta_esd               ? 
_cell.angle_gamma                  120.00 
_cell.angle_gamma_esd              ? 
_cell.entry_id                     5EH6 
_cell.details                      ? 
_cell.formula_units_Z              ? 
_cell.length_a                     31.312 
_cell.length_a_esd                 ? 
_cell.length_b                     31.312 
_cell.length_b_esd                 ? 
_cell.length_c                     136.287 
_cell.length_c_esd                 ? 
_cell.volume                       ? 
_cell.volume_esd                   ? 
_cell.Z_PDB                        18 
_cell.reciprocal_angle_alpha       ? 
_cell.reciprocal_angle_beta        ? 
_cell.reciprocal_angle_gamma       ? 
_cell.reciprocal_angle_alpha_esd   ? 
_cell.reciprocal_angle_beta_esd    ? 
_cell.reciprocal_angle_gamma_esd   ? 
_cell.reciprocal_length_a          ? 
_cell.reciprocal_length_b          ? 
_cell.reciprocal_length_c          ? 
_cell.reciprocal_length_a_esd      ? 
_cell.reciprocal_length_b_esd      ? 
_cell.reciprocal_length_c_esd      ? 
_cell.pdbx_unique_axis             ? 
# 
_symmetry.entry_id                         5EH6 
_symmetry.cell_setting                     ? 
_symmetry.Int_Tables_number                155 
_symmetry.space_group_name_Hall            ? 
_symmetry.space_group_name_H-M             'H 3 2' 
_symmetry.pdbx_full_space_group_name_H-M   ? 
# 
_entity.id                         1 
_entity.type                       polymer 
_entity.src_method                 man 
_entity.pdbx_description           Glycophorin-A 
_entity.formula_weight             3292.054 
_entity.pdbx_number_of_molecules   1 
_entity.pdbx_ec                    ? 
_entity.pdbx_mutation              M100I 
_entity.pdbx_fragment              'unp resideus 89-117' 
_entity.details                    ? 
# 
_entity_name_com.entity_id   1 
_entity_name_com.name        'MN sialoglycoprotein,PAS-2,Sialoglycoprotein alpha' 
# 
_entity_poly.entity_id                      1 
_entity_poly.type                           'polypeptide(L)' 
_entity_poly.nstd_linkage                   no 
_entity_poly.nstd_monomer                   yes 
_entity_poly.pdbx_seq_one_letter_code       'EPEITLIIFGVIAGVIGTILLISYGIRRL(SCH)' 
_entity_poly.pdbx_seq_one_letter_code_can   EPEITLIIFGVIAGVIGTILLISYGIRRLC 
_entity_poly.pdbx_strand_id                 A 
_entity_poly.pdbx_target_identifier         ? 
# 
loop_
_entity_poly_seq.entity_id 
_entity_poly_seq.num 
_entity_poly_seq.mon_id 
_entity_poly_seq.hetero 
1 1  GLU n 
1 2  PRO n 
1 3  GLU n 
1 4  ILE n 
1 5  THR n 
1 6  LEU n 
1 7  ILE n 
1 8  ILE n 
1 9  PHE n 
1 10 GLY n 
1 11 VAL n 
1 12 ILE n 
1 13 ALA n 
1 14 GLY n 
1 15 VAL n 
1 16 ILE n 
1 17 GLY n 
1 18 THR n 
1 19 ILE n 
1 20 LEU n 
1 21 LEU n 
1 22 ILE n 
1 23 SER n 
1 24 TYR n 
1 25 GLY n 
1 26 ILE n 
1 27 ARG n 
1 28 ARG n 
1 29 LEU n 
1 30 SCH n 
# 
_entity_src_gen.entity_id                          1 
_entity_src_gen.pdbx_src_id                        1 
_entity_src_gen.pdbx_alt_source_flag               sample 
_entity_src_gen.pdbx_seq_type                      'Biological sequence' 
_entity_src_gen.pdbx_beg_seq_num                   1 
_entity_src_gen.pdbx_end_seq_num                   30 
_entity_src_gen.gene_src_common_name               Human 
_entity_src_gen.gene_src_genus                     ? 
_entity_src_gen.pdbx_gene_src_gene                 'GYPA, GPA' 
_entity_src_gen.gene_src_species                   ? 
_entity_src_gen.gene_src_strain                    ? 
_entity_src_gen.gene_src_tissue                    ? 
_entity_src_gen.gene_src_tissue_fraction           ? 
_entity_src_gen.gene_src_details                   ? 
_entity_src_gen.pdbx_gene_src_fragment             ? 
_entity_src_gen.pdbx_gene_src_scientific_name      'Homo sapiens' 
_entity_src_gen.pdbx_gene_src_ncbi_taxonomy_id     9606 
_entity_src_gen.pdbx_gene_src_variant              ? 
_entity_src_gen.pdbx_gene_src_cell_line            ? 
_entity_src_gen.pdbx_gene_src_atcc                 ? 
_entity_src_gen.pdbx_gene_src_organ                ? 
_entity_src_gen.pdbx_gene_src_organelle            ? 
_entity_src_gen.pdbx_gene_src_cell                 ? 
_entity_src_gen.pdbx_gene_src_cellular_location    ? 
_entity_src_gen.host_org_common_name               ? 
_entity_src_gen.pdbx_host_org_scientific_name      'Escherichia coli' 
_entity_src_gen.pdbx_host_org_ncbi_taxonomy_id     562 
_entity_src_gen.host_org_genus                     ? 
_entity_src_gen.pdbx_host_org_gene                 ? 
_entity_src_gen.pdbx_host_org_organ                ? 
_entity_src_gen.host_org_species                   ? 
_entity_src_gen.pdbx_host_org_tissue               ? 
_entity_src_gen.pdbx_host_org_tissue_fraction      ? 
_entity_src_gen.pdbx_host_org_strain               ? 
_entity_src_gen.pdbx_host_org_variant              ? 
_entity_src_gen.pdbx_host_org_cell_line            ? 
_entity_src_gen.pdbx_host_org_atcc                 ? 
_entity_src_gen.pdbx_host_org_culture_collection   ? 
_entity_src_gen.pdbx_host_org_cell                 ? 
_entity_src_gen.pdbx_host_org_organelle            ? 
_entity_src_gen.pdbx_host_org_cellular_location    ? 
_entity_src_gen.pdbx_host_org_vector_type          ? 
_entity_src_gen.pdbx_host_org_vector               ? 
_entity_src_gen.host_org_details                   ? 
_entity_src_gen.expression_system_id               ? 
_entity_src_gen.plasmid_name                       ? 
_entity_src_gen.plasmid_details                    ? 
_entity_src_gen.pdbx_description                   ? 
# 
_struct_ref.id                         1 
_struct_ref.db_name                    UNP 
_struct_ref.db_code                    GLPA_HUMAN 
_struct_ref.pdbx_db_accession          P02724 
_struct_ref.pdbx_db_isoform            ? 
_struct_ref.entity_id                  1 
_struct_ref.pdbx_seq_one_letter_code   EPEITLIIFGVMAGVIGTILLISYGIRRL 
_struct_ref.pdbx_align_begin           89 
# 
_struct_ref_seq.align_id                      1 
_struct_ref_seq.ref_id                        1 
_struct_ref_seq.pdbx_PDB_id_code              5EH6 
_struct_ref_seq.pdbx_strand_id                A 
_struct_ref_seq.seq_align_beg                 1 
_struct_ref_seq.pdbx_seq_align_beg_ins_code   ? 
_struct_ref_seq.seq_align_end                 29 
_struct_ref_seq.pdbx_seq_align_end_ins_code   ? 
_struct_ref_seq.pdbx_db_accession             P02724 
_struct_ref_seq.db_align_beg                  89 
_struct_ref_seq.pdbx_db_align_beg_ins_code    ? 
_struct_ref_seq.db_align_end                  117 
_struct_ref_seq.pdbx_db_align_end_ins_code    ? 
_struct_ref_seq.pdbx_auth_seq_align_beg       70 
_struct_ref_seq.pdbx_auth_seq_align_end       98 
# 
_struct_ref_seq_dif.align_id                     1 
_struct_ref_seq_dif.pdbx_pdb_id_code             5EH6 
_struct_ref_seq_dif.mon_id                       ILE 
_struct_ref_seq_dif.pdbx_pdb_strand_id           A 
_struct_ref_seq_dif.seq_num                      12 
_struct_ref_seq_dif.pdbx_pdb_ins_code            ? 
_struct_ref_seq_dif.pdbx_seq_db_name             UNP 
_struct_ref_seq_dif.pdbx_seq_db_accession_code   P02724 
_struct_ref_seq_dif.db_mon_id                    MET 
_struct_ref_seq_dif.pdbx_seq_db_seq_num          100 
_struct_ref_seq_dif.details                      'engineered mutation' 
_struct_ref_seq_dif.pdbx_auth_seq_num            81 
_struct_ref_seq_dif.pdbx_ordinal                 1 
# 
loop_
_chem_comp.id 
_chem_comp.type 
_chem_comp.mon_nstd_flag 
_chem_comp.name 
_chem_comp.pdbx_synonyms 
_chem_comp.formula 
_chem_comp.formula_weight 
ALA 'L-peptide linking' y ALANINE                ? 'C3 H7 N O2'     89.093  
ARG 'L-peptide linking' y ARGININE               ? 'C6 H15 N4 O2 1' 175.209 
GLU 'L-peptide linking' y 'GLUTAMIC ACID'        ? 'C5 H9 N O4'     147.129 
GLY 'peptide linking'   y GLYCINE                ? 'C2 H5 N O2'     75.067  
ILE 'L-peptide linking' y ISOLEUCINE             ? 'C6 H13 N O2'    131.173 
LEU 'L-peptide linking' y LEUCINE                ? 'C6 H13 N O2'    131.173 
MET 'L-peptide linking' y METHIONINE             ? 'C5 H11 N O2 S'  149.211 
PHE 'L-peptide linking' y PHENYLALANINE          ? 'C9 H11 N O2'    165.189 
PRO 'L-peptide linking' y PROLINE                ? 'C5 H9 N O2'     115.130 
SCH 'L-peptide linking' n S-METHYL-THIO-CYSTEINE ? 'C4 H9 N O2 S2'  167.250 
SER 'L-peptide linking' y SERINE                 ? 'C3 H7 N O3'     105.093 
THR 'L-peptide linking' y THREONINE              ? 'C4 H9 N O3'     119.119 
TYR 'L-peptide linking' y TYROSINE               ? 'C9 H11 N O3'    181.189 
VAL 'L-peptide linking' y VALINE                 ? 'C5 H11 N O2'    117.146 
# 
_exptl.absorpt_coefficient_mu     ? 
_exptl.absorpt_correction_T_max   ? 
_exptl.absorpt_correction_T_min   ? 
_exptl.absorpt_correction_type    ? 
_exptl.absorpt_process_details    ? 
_exptl.entry_id                   5EH6 
_exptl.crystals_number            ? 
_exptl.details                    ? 
_exptl.method                     'X-RAY DIFFRACTION' 
_exptl.method_details             ? 
# 
_exptl_crystal.colour                      ? 
_exptl_crystal.density_diffrn              ? 
_exptl_crystal.density_Matthews            1.95 
_exptl_crystal.density_method              ? 
_exptl_crystal.density_percent_sol         37.03 
_exptl_crystal.description                 'Hexagonal plates' 
_exptl_crystal.F_000                       ? 
_exptl_crystal.id                          1 
_exptl_crystal.preparation                 ? 
_exptl_crystal.size_max                    ? 
_exptl_crystal.size_mid                    ? 
_exptl_crystal.size_min                    ? 
_exptl_crystal.size_rad                    ? 
_exptl_crystal.colour_lustre               ? 
_exptl_crystal.colour_modifier             ? 
_exptl_crystal.colour_primary              ? 
_exptl_crystal.density_meas                ? 
_exptl_crystal.density_meas_esd            ? 
_exptl_crystal.density_meas_gt             ? 
_exptl_crystal.density_meas_lt             ? 
_exptl_crystal.density_meas_temp           ? 
_exptl_crystal.density_meas_temp_esd       ? 
_exptl_crystal.density_meas_temp_gt        ? 
_exptl_crystal.density_meas_temp_lt        ? 
_exptl_crystal.pdbx_crystal_image_url      ? 
_exptl_crystal.pdbx_crystal_image_format   ? 
_exptl_crystal.pdbx_mosaicity              ? 
_exptl_crystal.pdbx_mosaicity_esd          ? 
# 
_exptl_crystal_grow.apparatus       ? 
_exptl_crystal_grow.atmosphere      ? 
_exptl_crystal_grow.crystal_id      1 
_exptl_crystal_grow.details         ? 
_exptl_crystal_grow.method          'LIPIDIC CUBIC PHASE' 
_exptl_crystal_grow.method_ref      ? 
_exptl_crystal_grow.pH              7.5 
_exptl_crystal_grow.pressure        ? 
_exptl_crystal_grow.pressure_esd    ? 
_exptl_crystal_grow.seeding         ? 
_exptl_crystal_grow.seeding_ref     ? 
_exptl_crystal_grow.temp            293 
_exptl_crystal_grow.temp_details    ? 
_exptl_crystal_grow.temp_esd        ? 
_exptl_crystal_grow.time            ? 
_exptl_crystal_grow.pdbx_details    '0.1 M HEPES, 20% PEG8000, 10 mM Tris, 40 mM NaCl' 
_exptl_crystal_grow.pdbx_pH_range   7.5 
# 
_diffrn.ambient_environment    ? 
_diffrn.ambient_temp           100 
_diffrn.ambient_temp_details   ? 
_diffrn.ambient_temp_esd       ? 
_diffrn.crystal_id             1 
_diffrn.crystal_support        ? 
_diffrn.crystal_treatment      ? 
_diffrn.details                ? 
_diffrn.id                     1 
_diffrn.ambient_pressure       ? 
_diffrn.ambient_pressure_esd   ? 
_diffrn.ambient_pressure_gt    ? 
_diffrn.ambient_pressure_lt    ? 
_diffrn.ambient_temp_gt        ? 
_diffrn.ambient_temp_lt        ? 
# 
_diffrn_detector.details                      ? 
_diffrn_detector.detector                     CCD 
_diffrn_detector.diffrn_id                    1 
_diffrn_detector.type                         'ADSC QUANTUM 315r' 
_diffrn_detector.area_resol_mean              ? 
_diffrn_detector.dtime                        ? 
_diffrn_detector.pdbx_frames_total            ? 
_diffrn_detector.pdbx_collection_time_total   ? 
_diffrn_detector.pdbx_collection_date         2015-08-13 
# 
_diffrn_radiation.collimation                      ? 
_diffrn_radiation.diffrn_id                        1 
_diffrn_radiation.filter_edge                      ? 
_diffrn_radiation.inhomogeneity                    ? 
_diffrn_radiation.monochromator                    ? 
_diffrn_radiation.polarisn_norm                    ? 
_diffrn_radiation.polarisn_ratio                   ? 
_diffrn_radiation.probe                            ? 
_diffrn_radiation.type                             ? 
_diffrn_radiation.xray_symbol                      ? 
_diffrn_radiation.wavelength_id                    1 
_diffrn_radiation.pdbx_monochromatic_or_laue_m_l   M 
_diffrn_radiation.pdbx_wavelength_list             ? 
_diffrn_radiation.pdbx_wavelength                  ? 
_diffrn_radiation.pdbx_diffrn_protocol             'SINGLE WAVELENGTH' 
_diffrn_radiation.pdbx_analyzer                    ? 
_diffrn_radiation.pdbx_scattering_type             x-ray 
# 
_diffrn_radiation_wavelength.id           1 
_diffrn_radiation_wavelength.wavelength   0.9537 
_diffrn_radiation_wavelength.wt           1.0 
# 
_diffrn_source.current                     ? 
_diffrn_source.details                     ? 
_diffrn_source.diffrn_id                   1 
_diffrn_source.power                       ? 
_diffrn_source.size                        ? 
_diffrn_source.source                      SYNCHROTRON 
_diffrn_source.target                      ? 
_diffrn_source.type                        'AUSTRALIAN SYNCHROTRON BEAMLINE MX2' 
_diffrn_source.voltage                     ? 
_diffrn_source.take-off_angle              ? 
_diffrn_source.pdbx_wavelength_list        0.9537 
_diffrn_source.pdbx_wavelength             ? 
_diffrn_source.pdbx_synchrotron_beamline   MX2 
_diffrn_source.pdbx_synchrotron_site       'Australian Synchrotron' 
# 
_reflns.B_iso_Wilson_estimate            ? 
_reflns.entry_id                         5EH6 
_reflns.data_reduction_details           ? 
_reflns.data_reduction_method            ? 
_reflns.d_resolution_high                1.918 
_reflns.d_resolution_low                 26.6 
_reflns.details                          ? 
_reflns.limit_h_max                      ? 
_reflns.limit_h_min                      ? 
_reflns.limit_k_max                      ? 
_reflns.limit_k_min                      ? 
_reflns.limit_l_max                      ? 
_reflns.limit_l_min                      ? 
_reflns.number_all                       ? 
_reflns.number_obs                       2141 
_reflns.observed_criterion               ? 
_reflns.observed_criterion_F_max         ? 
_reflns.observed_criterion_F_min         ? 
_reflns.observed_criterion_I_max         ? 
_reflns.observed_criterion_I_min         ? 
_reflns.observed_criterion_sigma_F       ? 
_reflns.observed_criterion_sigma_I       ? 
_reflns.percent_possible_obs             97.63 
_reflns.R_free_details                   ? 
_reflns.Rmerge_F_all                     ? 
_reflns.Rmerge_F_obs                     ? 
_reflns.Friedel_coverage                 ? 
_reflns.number_gt                        ? 
_reflns.threshold_expression             ? 
_reflns.pdbx_redundancy                  9.6 
_reflns.pdbx_Rmerge_I_obs                0.1085 
_reflns.pdbx_Rmerge_I_all                ? 
_reflns.pdbx_Rsym_value                  ? 
_reflns.pdbx_netI_over_av_sigmaI         ? 
_reflns.pdbx_netI_over_sigmaI            9.91 
_reflns.pdbx_res_netI_over_av_sigmaI_2   ? 
_reflns.pdbx_res_netI_over_sigmaI_2      ? 
_reflns.pdbx_chi_squared                 ? 
_reflns.pdbx_scaling_rejects             ? 
_reflns.pdbx_d_res_high_opt              ? 
_reflns.pdbx_d_res_low_opt               ? 
_reflns.pdbx_d_res_opt_method            ? 
_reflns.phase_calculation_details        ? 
_reflns.pdbx_Rrim_I_all                  ? 
_reflns.pdbx_Rpim_I_all                  ? 
_reflns.pdbx_d_opt                       ? 
_reflns.pdbx_number_measured_all         ? 
_reflns.pdbx_diffrn_id                   1 
_reflns.pdbx_ordinal                     1 
_reflns.pdbx_CC_half                     ? 
_reflns.pdbx_R_split                     ? 
# 
_reflns_shell.d_res_high                  1.918 
_reflns_shell.d_res_low                   1.986 
_reflns_shell.meanI_over_sigI_all         ? 
_reflns_shell.meanI_over_sigI_obs         2.37 
_reflns_shell.number_measured_all         ? 
_reflns_shell.number_measured_obs         ? 
_reflns_shell.number_possible             ? 
_reflns_shell.number_unique_all           ? 
_reflns_shell.number_unique_obs           ? 
_reflns_shell.percent_possible_all        93.61 
_reflns_shell.percent_possible_obs        ? 
_reflns_shell.Rmerge_F_all                ? 
_reflns_shell.Rmerge_F_obs                ? 
_reflns_shell.Rmerge_I_all                ? 
_reflns_shell.Rmerge_I_obs                0.94 
_reflns_shell.meanI_over_sigI_gt          ? 
_reflns_shell.meanI_over_uI_all           ? 
_reflns_shell.meanI_over_uI_gt            ? 
_reflns_shell.number_measured_gt          ? 
_reflns_shell.number_unique_gt            ? 
_reflns_shell.percent_possible_gt         ? 
_reflns_shell.Rmerge_F_gt                 ? 
_reflns_shell.Rmerge_I_gt                 ? 
_reflns_shell.pdbx_redundancy             8.6 
_reflns_shell.pdbx_Rsym_value             ? 
_reflns_shell.pdbx_chi_squared            ? 
_reflns_shell.pdbx_netI_over_sigmaI_all   ? 
_reflns_shell.pdbx_netI_over_sigmaI_obs   ? 
_reflns_shell.pdbx_Rrim_I_all             ? 
_reflns_shell.pdbx_Rpim_I_all             ? 
_reflns_shell.pdbx_rejects                ? 
_reflns_shell.pdbx_ordinal                1 
_reflns_shell.pdbx_diffrn_id              1 
_reflns_shell.pdbx_CC_half                ? 
_reflns_shell.pdbx_R_split                ? 
# 
_refine.aniso_B[1][1]                            ? 
_refine.aniso_B[1][2]                            ? 
_refine.aniso_B[1][3]                            ? 
_refine.aniso_B[2][2]                            ? 
_refine.aniso_B[2][3]                            ? 
_refine.aniso_B[3][3]                            ? 
_refine.B_iso_max                                ? 
_refine.B_iso_mean                               ? 
_refine.B_iso_min                                ? 
_refine.correlation_coeff_Fo_to_Fc               ? 
_refine.correlation_coeff_Fo_to_Fc_free          ? 
_refine.details                                  ? 
_refine.diff_density_max                         ? 
_refine.diff_density_max_esd                     ? 
_refine.diff_density_min                         ? 
_refine.diff_density_min_esd                     ? 
_refine.diff_density_rms                         ? 
_refine.diff_density_rms_esd                     ? 
_refine.entry_id                                 5EH6 
_refine.pdbx_refine_id                           'X-RAY DIFFRACTION' 
_refine.ls_abs_structure_details                 ? 
_refine.ls_abs_structure_Flack                   ? 
_refine.ls_abs_structure_Flack_esd               ? 
_refine.ls_abs_structure_Rogers                  ? 
_refine.ls_abs_structure_Rogers_esd              ? 
_refine.ls_d_res_high                            1.918 
_refine.ls_d_res_low                             26.596 
_refine.ls_extinction_coef                       ? 
_refine.ls_extinction_coef_esd                   ? 
_refine.ls_extinction_expression                 ? 
_refine.ls_extinction_method                     ? 
_refine.ls_goodness_of_fit_all                   ? 
_refine.ls_goodness_of_fit_all_esd               ? 
_refine.ls_goodness_of_fit_obs                   ? 
_refine.ls_goodness_of_fit_obs_esd               ? 
_refine.ls_hydrogen_treatment                    ? 
_refine.ls_matrix_type                           ? 
_refine.ls_number_constraints                    ? 
_refine.ls_number_parameters                     ? 
_refine.ls_number_reflns_all                     ? 
_refine.ls_number_reflns_obs                     2139 
_refine.ls_number_reflns_R_free                  214 
_refine.ls_number_reflns_R_work                  ? 
_refine.ls_number_restraints                     ? 
_refine.ls_percent_reflns_obs                    97.54 
_refine.ls_percent_reflns_R_free                 10.00 
_refine.ls_R_factor_all                          ? 
_refine.ls_R_factor_obs                          0.2254 
_refine.ls_R_factor_R_free                       0.2383 
_refine.ls_R_factor_R_free_error                 ? 
_refine.ls_R_factor_R_free_error_details         ? 
_refine.ls_R_factor_R_work                       0.2238 
_refine.ls_R_Fsqd_factor_obs                     ? 
_refine.ls_R_I_factor_obs                        ? 
_refine.ls_redundancy_reflns_all                 ? 
_refine.ls_redundancy_reflns_obs                 ? 
_refine.ls_restrained_S_all                      ? 
_refine.ls_restrained_S_obs                      ? 
_refine.ls_shift_over_esd_max                    ? 
_refine.ls_shift_over_esd_mean                   ? 
_refine.ls_structure_factor_coef                 ? 
_refine.ls_weighting_details                     ? 
_refine.ls_weighting_scheme                      ? 
_refine.ls_wR_factor_all                         ? 
_refine.ls_wR_factor_obs                         ? 
_refine.ls_wR_factor_R_free                      ? 
_refine.ls_wR_factor_R_work                      ? 
_refine.occupancy_max                            ? 
_refine.occupancy_min                            ? 
_refine.solvent_model_details                    'FLAT BULK SOLVENT MODEL' 
_refine.solvent_model_param_bsol                 ? 
_refine.solvent_model_param_ksol                 ? 
_refine.ls_R_factor_gt                           ? 
_refine.ls_goodness_of_fit_gt                    ? 
_refine.ls_goodness_of_fit_ref                   ? 
_refine.ls_shift_over_su_max                     ? 
_refine.ls_shift_over_su_max_lt                  ? 
_refine.ls_shift_over_su_mean                    ? 
_refine.ls_shift_over_su_mean_lt                 ? 
_refine.pdbx_ls_sigma_I                          ? 
_refine.pdbx_ls_sigma_F                          1.34 
_refine.pdbx_ls_sigma_Fsqd                       ? 
_refine.pdbx_data_cutoff_high_absF               ? 
_refine.pdbx_data_cutoff_high_rms_absF           ? 
_refine.pdbx_data_cutoff_low_absF                ? 
_refine.pdbx_isotropic_thermal_model             ? 
_refine.pdbx_ls_cross_valid_method               'FREE R-VALUE' 
_refine.pdbx_method_to_determine_struct          'MOLECULAR REPLACEMENT' 
_refine.pdbx_starting_model                      4WOL 
_refine.pdbx_stereochemistry_target_values       ML 
_refine.pdbx_R_Free_selection_details            ? 
_refine.pdbx_stereochem_target_val_spec_case     ? 
_refine.pdbx_overall_ESU_R                       ? 
_refine.pdbx_overall_ESU_R_Free                  ? 
_refine.pdbx_solvent_vdw_probe_radii             1.11 
_refine.pdbx_solvent_ion_probe_radii             ? 
_refine.pdbx_solvent_shrinkage_radii             0.90 
_refine.pdbx_real_space_R                        ? 
_refine.pdbx_density_correlation                 ? 
_refine.pdbx_pd_number_of_powder_patterns        ? 
_refine.pdbx_pd_number_of_points                 ? 
_refine.pdbx_pd_meas_number_of_points            ? 
_refine.pdbx_pd_proc_ls_prof_R_factor            ? 
_refine.pdbx_pd_proc_ls_prof_wR_factor           ? 
_refine.pdbx_pd_Marquardt_correlation_coeff      ? 
_refine.pdbx_pd_Fsqrd_R_factor                   ? 
_refine.pdbx_pd_ls_matrix_band_width             ? 
_refine.pdbx_overall_phase_error                 29.65 
_refine.pdbx_overall_SU_R_free_Cruickshank_DPI   ? 
_refine.pdbx_overall_SU_R_free_Blow_DPI          ? 
_refine.pdbx_overall_SU_R_Blow_DPI               ? 
_refine.pdbx_TLS_residual_ADP_flag               ? 
_refine.pdbx_diffrn_id                           1 
_refine.overall_SU_B                             ? 
_refine.overall_SU_ML                            0.15 
_refine.overall_SU_R_Cruickshank_DPI             ? 
_refine.overall_SU_R_free                        ? 
_refine.overall_FOM_free_R_set                   ? 
_refine.overall_FOM_work_R_set                   ? 
_refine.pdbx_average_fsc_overall                 ? 
_refine.pdbx_average_fsc_work                    ? 
_refine.pdbx_average_fsc_free                    ? 
# 
_refine_hist.pdbx_refine_id                   'X-RAY DIFFRACTION' 
_refine_hist.cycle_id                         LAST 
_refine_hist.pdbx_number_atoms_protein        197 
_refine_hist.pdbx_number_atoms_nucleic_acid   0 
_refine_hist.pdbx_number_atoms_ligand         0 
_refine_hist.number_atoms_solvent             0 
_refine_hist.number_atoms_total               197 
_refine_hist.d_res_high                       1.918 
_refine_hist.d_res_low                        26.596 
# 
loop_
_refine_ls_restr.pdbx_refine_id 
_refine_ls_restr.criterion 
_refine_ls_restr.dev_ideal 
_refine_ls_restr.dev_ideal_target 
_refine_ls_restr.number 
_refine_ls_restr.rejects 
_refine_ls_restr.type 
_refine_ls_restr.weight 
_refine_ls_restr.pdbx_restraint_function 
'X-RAY DIFFRACTION' ? 0.007 ? 199 ? f_bond_d           ? ? 
'X-RAY DIFFRACTION' ? 0.890 ? 271 ? f_angle_d          ? ? 
'X-RAY DIFFRACTION' ? 8.879 ? 65  ? f_dihedral_angle_d ? ? 
'X-RAY DIFFRACTION' ? 0.035 ? 39  ? f_chiral_restr     ? ? 
'X-RAY DIFFRACTION' ? 0.003 ? 30  ? f_plane_restr      ? ? 
# 
loop_
_refine_ls_shell.pdbx_refine_id 
_refine_ls_shell.d_res_high 
_refine_ls_shell.d_res_low 
_refine_ls_shell.number_reflns_all 
_refine_ls_shell.number_reflns_obs 
_refine_ls_shell.number_reflns_R_free 
_refine_ls_shell.number_reflns_R_work 
_refine_ls_shell.percent_reflns_obs 
_refine_ls_shell.percent_reflns_R_free 
_refine_ls_shell.R_factor_all 
_refine_ls_shell.R_factor_obs 
_refine_ls_shell.R_factor_R_free 
_refine_ls_shell.R_factor_R_free_error 
_refine_ls_shell.R_factor_R_work 
_refine_ls_shell.redundancy_reflns_all 
_refine_ls_shell.redundancy_reflns_obs 
_refine_ls_shell.wR_factor_all 
_refine_ls_shell.wR_factor_obs 
_refine_ls_shell.wR_factor_R_free 
_refine_ls_shell.wR_factor_R_work 
_refine_ls_shell.pdbx_total_number_of_bins_used 
_refine_ls_shell.pdbx_phase_error 
_refine_ls_shell.pdbx_fsc_work 
_refine_ls_shell.pdbx_fsc_free 
'X-RAY DIFFRACTION' 1.9175 2.4156  . . 105 947 99.00 . . . 0.2642 . 0.2312 . . . . . . . . . . 
'X-RAY DIFFRACTION' 2.4156 26.5982 . . 109 978 96.00 . . . 0.2306 . 0.2219 . . . . . . . . . . 
# 
_struct.entry_id                     5EH6 
_struct.title                        'Crystal Structure of the Glycophorin A Transmembrane Monomer in Lipidic Cubic Phase' 
_struct.pdbx_model_details           ? 
_struct.pdbx_formula_weight          ? 
_struct.pdbx_formula_weight_method   ? 
_struct.pdbx_model_type_details      ? 
_struct.pdbx_CASP_flag               ? 
# 
_struct_keywords.entry_id        5EH6 
_struct_keywords.text            'Receptor, lipidic cubic phase, peptides, transmembrane, MEMBRANE PROTEIN' 
_struct_keywords.pdbx_keywords   'MEMBRANE PROTEIN' 
# 
_struct_asym.id                            A 
_struct_asym.pdbx_blank_PDB_chainid_flag   N 
_struct_asym.pdbx_modified                 N 
_struct_asym.entity_id                     1 
_struct_asym.details                       ? 
# 
_struct_conf.conf_type_id            HELX_P 
_struct_conf.id                      HELX_P1 
_struct_conf.pdbx_PDB_helix_id       AA1 
_struct_conf.beg_label_comp_id       GLU 
_struct_conf.beg_label_asym_id       A 
_struct_conf.beg_label_seq_id        3 
_struct_conf.pdbx_beg_PDB_ins_code   ? 
_struct_conf.end_label_comp_id       ARG 
_struct_conf.end_label_asym_id       A 
_struct_conf.end_label_seq_id        28 
_struct_conf.pdbx_end_PDB_ins_code   ? 
_struct_conf.beg_auth_comp_id        GLU 
_struct_conf.beg_auth_asym_id        A 
_struct_conf.beg_auth_seq_id         72 
_struct_conf.end_auth_comp_id        ARG 
_struct_conf.end_auth_asym_id        A 
_struct_conf.end_auth_seq_id         97 
_struct_conf.pdbx_PDB_helix_class    1 
_struct_conf.details                 ? 
_struct_conf.pdbx_PDB_helix_length   26 
# 
_struct_conf_type.id          HELX_P 
_struct_conf_type.criteria    ? 
_struct_conf_type.reference   ? 
# 
_atom_sites.entry_id                    5EH6 
_atom_sites.fract_transf_matrix[1][1]   0.01914213 
_atom_sites.fract_transf_matrix[1][2]   0.00583272 
_atom_sites.fract_transf_matrix[1][3]   -0.03097623 
_atom_sites.fract_transf_matrix[2][1]   0.03358915 
_atom_sites.fract_transf_matrix[2][2]   -0.01469643 
_atom_sites.fract_transf_matrix[2][3]   -0.00396198 
_atom_sites.fract_transf_matrix[3][1]   -0.00297998 
_atom_sites.fract_transf_matrix[3][2]   -0.00600934 
_atom_sites.fract_transf_matrix[3][3]   -0.00297306 
_atom_sites.fract_transf_vector[1]      1.216103 
_atom_sites.fract_transf_vector[2]      0.354813 
_atom_sites.fract_transf_vector[3]      0.012451 
# 
loop_
_atom_type.symbol 
C 
N 
O 
# 
loop_
_atom_site.group_PDB 
_atom_site.id 
_atom_site.type_symbol 
_atom_site.label_atom_id 
_atom_site.label_alt_id 
_atom_site.label_comp_id 
_atom_site.label_asym_id 
_atom_site.label_entity_id 
_atom_site.label_seq_id 
_atom_site.pdbx_PDB_ins_code 
_atom_site.Cartn_x 
_atom_site.Cartn_y 
_atom_site.Cartn_z 
_atom_site.occupancy 
_atom_site.B_iso_or_equiv 
_atom_site.pdbx_formal_charge 
_atom_site.auth_seq_id 
_atom_site.auth_comp_id 
_atom_site.auth_asym_id 
_atom_site.auth_atom_id 
_atom_site.pdbx_PDB_model_num 
ATOM 1   N N   . PRO A 1 2  ? 5.402   15.190  14.525  1.00 72.28  ? 71 PRO A N   1 
ATOM 2   C CA  . PRO A 1 2  ? 4.366   14.431  15.236  1.00 75.23  ? 71 PRO A CA  1 
ATOM 3   C C   . PRO A 1 2  ? 3.580   13.534  14.287  1.00 59.78  ? 71 PRO A C   1 
ATOM 4   O O   . PRO A 1 2  ? 3.306   12.368  14.583  1.00 55.18  ? 71 PRO A O   1 
ATOM 5   C CB  . PRO A 1 2  ? 3.476   15.528  15.825  1.00 83.70  ? 71 PRO A CB  1 
ATOM 6   C CG  . PRO A 1 2  ? 3.634   16.682  14.886  1.00 82.77  ? 71 PRO A CG  1 
ATOM 7   C CD  . PRO A 1 2  ? 5.055   16.616  14.393  1.00 79.89  ? 71 PRO A CD  1 
ATOM 8   N N   . GLU A 1 3  ? 3.236   14.080  13.131  1.00 43.89  ? 72 GLU A N   1 
ATOM 9   C CA  . GLU A 1 3  ? 2.554   13.307  12.121  1.00 41.57  ? 72 GLU A CA  1 
ATOM 10  C C   . GLU A 1 3  ? 3.557   12.424  11.395  1.00 28.78  ? 72 GLU A C   1 
ATOM 11  O O   . GLU A 1 3  ? 3.206   11.742  10.441  1.00 27.05  ? 72 GLU A O   1 
ATOM 12  C CB  . GLU A 1 3  ? 1.824   14.230  11.145  1.00 53.65  ? 72 GLU A CB  1 
ATOM 13  C CG  . GLU A 1 3  ? 2.657   15.399  10.644  1.00 55.89  ? 72 GLU A CG  1 
ATOM 14  C CD  . GLU A 1 3  ? 1.885   16.301  9.696   1.00 67.90  ? 72 GLU A CD  1 
ATOM 15  O OE1 . GLU A 1 3  ? 1.048   15.786  8.919   1.00 68.55  ? 72 GLU A OE1 1 
ATOM 16  O OE2 . GLU A 1 3  ? 2.109   17.530  9.735   1.00 79.31  ? 72 GLU A OE2 1 
ATOM 17  N N   . ILE A 1 4  ? 4.805   12.439  11.865  1.00 30.36  ? 73 ILE A N   1 
ATOM 18  C CA  . ILE A 1 4  ? 5.879   11.648  11.268  1.00 28.77  ? 73 ILE A CA  1 
ATOM 19  C C   . ILE A 1 4  ? 5.557   10.159  11.269  1.00 26.85  ? 73 ILE A C   1 
ATOM 20  O O   . ILE A 1 4  ? 5.827   9.446   10.303  1.00 24.23  ? 73 ILE A O   1 
ATOM 21  C CB  . ILE A 1 4  ? 7.201   11.871  12.005  1.00 34.40  ? 73 ILE A CB  1 
ATOM 22  C CG1 . ILE A 1 4  ? 8.283   10.969  11.420  1.00 36.30  ? 73 ILE A CG1 1 
ATOM 23  C CG2 . ILE A 1 4  ? 7.037   11.639  13.503  1.00 46.47  ? 73 ILE A CG2 1 
ATOM 24  C CD1 . ILE A 1 4  ? 8.547   11.235  9.966   1.00 45.01  ? 73 ILE A CD1 1 
ATOM 25  N N   . THR A 1 5  ? 4.970   9.715   12.373  1.00 40.83  ? 74 THR A N   1 
ATOM 26  C CA  . THR A 1 5  ? 4.460   8.363   12.524  1.00 54.69  ? 74 THR A CA  1 
ATOM 27  C C   . THR A 1 5  ? 3.430   8.063   11.438  1.00 33.06  ? 74 THR A C   1 
ATOM 28  O O   . THR A 1 5  ? 3.532   7.067   10.728  1.00 25.63  ? 74 THR A O   1 
ATOM 29  C CB  . THR A 1 5  ? 3.814   8.163   13.927  1.00 69.92  ? 74 THR A CB  1 
ATOM 30  O OG1 . THR A 1 5  ? 2.727   9.090   14.104  1.00 59.92  ? 74 THR A OG1 1 
ATOM 31  C CG2 . THR A 1 5  ? 4.849   8.374   15.033  1.00 60.41  ? 74 THR A CG2 1 
ATOM 32  N N   . LEU A 1 6  ? 2.449   8.951   11.317  1.00 30.54  ? 75 LEU A N   1 
ATOM 33  C CA  . LEU A 1 6  ? 1.374   8.796   10.355  1.00 32.84  ? 75 LEU A CA  1 
ATOM 34  C C   . LEU A 1 6  ? 1.875   8.829   8.921   1.00 25.79  ? 75 LEU A C   1 
ATOM 35  O O   . LEU A 1 6  ? 1.414   8.064   8.074   1.00 24.52  ? 75 LEU A O   1 
ATOM 36  C CB  . LEU A 1 6  ? 0.323   9.880   10.569  1.00 28.01  ? 75 LEU A CB  1 
ATOM 37  C CG  . LEU A 1 6  ? -0.574  9.624   11.771  1.00 27.87  ? 75 LEU A CG  1 
ATOM 38  C CD1 . LEU A 1 6  ? -1.522  10.789  11.933  1.00 37.84  ? 75 LEU A CD1 1 
ATOM 39  C CD2 . LEU A 1 6  ? -1.323  8.324   11.551  1.00 31.17  ? 75 LEU A CD2 1 
ATOM 40  N N   . ILE A 1 7  ? 2.821   9.713   8.640   1.00 19.81  ? 76 ILE A N   1 
ATOM 41  C CA  . ILE A 1 7  ? 3.354   9.803   7.288   1.00 25.42  ? 76 ILE A CA  1 
ATOM 42  C C   . ILE A 1 7  ? 4.077   8.513   6.893   1.00 21.46  ? 76 ILE A C   1 
ATOM 43  O O   . ILE A 1 7  ? 3.849   7.973   5.811   1.00 19.33  ? 76 ILE A O   1 
ATOM 44  C CB  . ILE A 1 7  ? 4.295   11.012  7.145   1.00 18.98  ? 76 ILE A CB  1 
ATOM 45  C CG1 . ILE A 1 7  ? 3.477   12.303  7.171   1.00 26.36  ? 76 ILE A CG1 1 
ATOM 46  C CG2 . ILE A 1 7  ? 5.081   10.931  5.852   1.00 17.37  ? 76 ILE A CG2 1 
ATOM 47  C CD1 . ILE A 1 7  ? 4.313   13.546  7.271   1.00 33.92  ? 76 ILE A CD1 1 
ATOM 48  N N   . ILE A 1 8  ? 4.925   8.007   7.779   1.00 17.69  ? 77 ILE A N   1 
ATOM 49  C CA  . ILE A 1 8  ? 5.688   6.811   7.476   1.00 17.04  ? 77 ILE A CA  1 
ATOM 50  C C   . ILE A 1 8  ? 4.736   5.634   7.343   1.00 15.87  ? 77 ILE A C   1 
ATOM 51  O O   . ILE A 1 8  ? 4.881   4.812   6.450   1.00 14.34  ? 77 ILE A O   1 
ATOM 52  C CB  . ILE A 1 8  ? 6.761   6.537   8.547   1.00 32.82  ? 77 ILE A CB  1 
ATOM 53  C CG1 . ILE A 1 8  ? 7.817   7.648   8.511   1.00 28.88  ? 77 ILE A CG1 1 
ATOM 54  C CG2 . ILE A 1 8  ? 7.428   5.163   8.342   1.00 28.78  ? 77 ILE A CG2 1 
ATOM 55  C CD1 . ILE A 1 8  ? 8.726   7.670   9.717   1.00 24.61  ? 77 ILE A CD1 1 
ATOM 56  N N   . PHE A 1 9  ? 3.742   5.581   8.214   1.00 20.44  ? 78 PHE A N   1 
ATOM 57  C CA  . PHE A 1 9  ? 2.719   4.547   8.125   1.00 29.06  ? 78 PHE A CA  1 
ATOM 58  C C   . PHE A 1 9  ? 2.040   4.596   6.769   1.00 18.03  ? 78 PHE A C   1 
ATOM 59  O O   . PHE A 1 9  ? 1.855   3.570   6.116   1.00 15.70  ? 78 PHE A O   1 
ATOM 60  C CB  . PHE A 1 9  ? 1.666   4.708   9.235   1.00 27.90  ? 78 PHE A CB  1 
ATOM 61  C CG  . PHE A 1 9  ? 0.388   3.949   8.974   1.00 22.44  ? 78 PHE A CG  1 
ATOM 62  C CD1 . PHE A 1 9  ? 0.324   2.582   9.182   1.00 18.61  ? 78 PHE A CD1 1 
ATOM 63  C CD2 . PHE A 1 9  ? -0.745  4.608   8.514   1.00 24.51  ? 78 PHE A CD2 1 
ATOM 64  C CE1 . PHE A 1 9  ? -0.846  1.887   8.940   1.00 22.90  ? 78 PHE A CE1 1 
ATOM 65  C CE2 . PHE A 1 9  ? -1.916  3.921   8.267   1.00 28.95  ? 78 PHE A CE2 1 
ATOM 66  C CZ  . PHE A 1 9  ? -1.966  2.558   8.481   1.00 29.26  ? 78 PHE A CZ  1 
ATOM 67  N N   . GLY A 1 10 ? 1.664   5.800   6.358   1.00 16.77  ? 79 GLY A N   1 
ATOM 68  C CA  . GLY A 1 10 ? 0.920   5.974   5.132   1.00 17.63  ? 79 GLY A CA  1 
ATOM 69  C C   . GLY A 1 10 ? 1.700   5.530   3.919   1.00 10.12  ? 79 GLY A C   1 
ATOM 70  O O   . GLY A 1 10 ? 1.147   4.921   3.002   1.00 15.97  ? 79 GLY A O   1 
ATOM 71  N N   . VAL A 1 11 ? 2.989   5.827   3.918   1.00 10.40  ? 80 VAL A N   1 
ATOM 72  C CA  . VAL A 1 11 ? 3.828   5.473   2.784   1.00 11.18  ? 80 VAL A CA  1 
ATOM 73  C C   . VAL A 1 11 ? 3.981   3.954   2.682   1.00 13.80  ? 80 VAL A C   1 
ATOM 74  O O   . VAL A 1 11 ? 3.779   3.388   1.624   1.00 10.65  ? 80 VAL A O   1 
ATOM 75  C CB  . VAL A 1 11 ? 5.204   6.133   2.872   1.00 13.99  ? 80 VAL A CB  1 
ATOM 76  C CG1 . VAL A 1 11 ? 6.085   5.652   1.746   1.00 17.30  ? 80 VAL A CG1 1 
ATOM 77  C CG2 . VAL A 1 11 ? 5.069   7.653   2.813   1.00 13.03  ? 80 VAL A CG2 1 
ATOM 78  N N   . ILE A 1 12 ? 4.319   3.299   3.788   1.00 13.20  ? 81 ILE A N   1 
ATOM 79  C CA  . ILE A 1 12 ? 4.515   1.853   3.790   1.00 11.57  ? 81 ILE A CA  1 
ATOM 80  C C   . ILE A 1 12 ? 3.200   1.151   3.442   1.00 13.01  ? 81 ILE A C   1 
ATOM 81  O O   . ILE A 1 12 ? 3.169   0.266   2.584   1.00 16.50  ? 81 ILE A O   1 
ATOM 82  C CB  . ILE A 1 12 ? 5.062   1.336   5.171   1.00 17.96  ? 81 ILE A CB  1 
ATOM 83  C CG1 . ILE A 1 12 ? 6.525   1.758   5.378   1.00 19.73  ? 81 ILE A CG1 1 
ATOM 84  C CG2 . ILE A 1 12 ? 4.929   -0.184  5.280   1.00 17.99  ? 81 ILE A CG2 1 
ATOM 85  C CD1 . ILE A 1 12 ? 7.086   1.478   6.790   1.00 20.93  ? 81 ILE A CD1 1 
ATOM 86  N N   . ALA A 1 13 ? 2.107   1.562   4.084   1.00 14.62  ? 82 ALA A N   1 
ATOM 87  C CA  . ALA A 1 13 ? 0.807   0.952   3.808   1.00 15.60  ? 82 ALA A CA  1 
ATOM 88  C C   . ALA A 1 13 ? 0.396   1.194   2.358   1.00 17.38  ? 82 ALA A C   1 
ATOM 89  O O   . ALA A 1 13 ? -0.112  0.285   1.696   1.00 14.20  ? 82 ALA A O   1 
ATOM 90  C CB  . ALA A 1 13 ? -0.264  1.478   4.768   1.00 12.86  ? 82 ALA A CB  1 
ATOM 91  N N   . GLY A 1 14 ? 0.613   2.414   1.871   1.00 9.24   ? 83 GLY A N   1 
ATOM 92  C CA  . GLY A 1 14 ? 0.314   2.745   0.484   1.00 13.08  ? 83 GLY A CA  1 
ATOM 93  C C   . GLY A 1 14 ? 1.096   1.880   -0.498  1.00 12.02  ? 83 GLY A C   1 
ATOM 94  O O   . GLY A 1 14 ? 0.540   1.343   -1.453  1.00 14.41  ? 83 GLY A O   1 
ATOM 95  N N   . VAL A 1 15 ? 2.389   1.729   -0.260  1.00 11.13  ? 84 VAL A N   1 
ATOM 96  C CA  . VAL A 1 15 ? 3.217   0.902   -1.117  1.00 9.86   ? 84 VAL A CA  1 
ATOM 97  C C   . VAL A 1 15 ? 2.739   -0.555  -1.082  1.00 23.28  ? 84 VAL A C   1 
ATOM 98  O O   . VAL A 1 15 ? 2.553   -1.183  -2.136  1.00 13.72  ? 84 VAL A O   1 
ATOM 99  C CB  . VAL A 1 15 ? 4.693   0.988   -0.709  1.00 11.25  ? 84 VAL A CB  1 
ATOM 100 C CG1 . VAL A 1 15 ? 5.516   -0.123  -1.363  1.00 10.57  ? 84 VAL A CG1 1 
ATOM 101 C CG2 . VAL A 1 15 ? 5.246   2.362   -1.065  1.00 17.63  ? 84 VAL A CG2 1 
ATOM 102 N N   . ILE A 1 16 ? 2.511   -1.086  0.116   1.00 14.94  ? 85 ILE A N   1 
ATOM 103 C CA  . ILE A 1 16 ? 2.134   -2.484  0.243   1.00 9.86   ? 85 ILE A CA  1 
ATOM 104 C C   . ILE A 1 16 ? 0.733   -2.690  -0.322  1.00 13.41  ? 85 ILE A C   1 
ATOM 105 O O   . ILE A 1 16 ? 0.476   -3.649  -1.055  1.00 12.84  ? 85 ILE A O   1 
ATOM 106 C CB  . ILE A 1 16 ? 2.186   -2.959  1.712   1.00 11.50  ? 85 ILE A CB  1 
ATOM 107 C CG1 . ILE A 1 16 ? 3.624   -2.958  2.235   1.00 12.43  ? 85 ILE A CG1 1 
ATOM 108 C CG2 . ILE A 1 16 ? 1.559   -4.346  1.857   1.00 13.13  ? 85 ILE A CG2 1 
ATOM 109 C CD1 . ILE A 1 16 ? 3.721   -3.219  3.739   1.00 21.23  ? 85 ILE A CD1 1 
ATOM 110 N N   . GLY A 1 17 ? -0.167  -1.779  0.019   1.00 9.78   ? 86 GLY A N   1 
ATOM 111 C CA  . GLY A 1 17 ? -1.528  -1.848  -0.461  1.00 10.45  ? 86 GLY A CA  1 
ATOM 112 C C   . GLY A 1 17 ? -1.584  -1.873  -1.978  1.00 13.84  ? 86 GLY A C   1 
ATOM 113 O O   . GLY A 1 17 ? -2.278  -2.704  -2.570  1.00 11.38  ? 86 GLY A O   1 
ATOM 114 N N   . THR A 1 18 ? -0.852  -0.962  -2.610  1.00 12.99  ? 87 THR A N   1 
ATOM 115 C CA  . THR A 1 18 ? -0.860  -0.858  -4.074  1.00 13.69  ? 87 THR A CA  1 
ATOM 116 C C   . THR A 1 18 ? -0.370  -2.138  -4.754  1.00 12.38  ? 87 THR A C   1 
ATOM 117 O O   . THR A 1 18 ? -0.989  -2.623  -5.707  1.00 12.81  ? 87 THR A O   1 
ATOM 118 C CB  . THR A 1 18 ? 0.005   0.315   -4.544  1.00 17.27  ? 87 THR A CB  1 
ATOM 119 O OG1 . THR A 1 18 ? -0.560  1.528   -4.048  1.00 18.68  ? 87 THR A OG1 1 
ATOM 120 C CG2 . THR A 1 18 ? 0.066   0.371   -6.065  1.00 16.57  ? 87 THR A CG2 1 
ATOM 121 N N   . ILE A 1 19 ? 0.747   -2.667  -4.256  1.00 17.44  ? 88 ILE A N   1 
ATOM 122 C CA  . ILE A 1 19 ? 1.308   -3.939  -4.707  1.00 19.16  ? 88 ILE A CA  1 
ATOM 123 C C   . ILE A 1 19 ? 0.302   -5.091  -4.565  1.00 19.87  ? 88 ILE A C   1 
ATOM 124 O O   . ILE A 1 19 ? 0.108   -5.869  -5.500  1.00 15.46  ? 88 ILE A O   1 
ATOM 125 C CB  . ILE A 1 19 ? 2.588   -4.276  -3.916  1.00 13.93  ? 88 ILE A CB  1 
ATOM 126 C CG1 . ILE A 1 19 ? 3.706   -3.314  -4.295  1.00 13.96  ? 88 ILE A CG1 1 
ATOM 127 C CG2 . ILE A 1 19 ? 3.006   -5.732  -4.125  1.00 16.44  ? 88 ILE A CG2 1 
ATOM 128 C CD1 . ILE A 1 19 ? 4.969   -3.595  -3.560  1.00 18.02  ? 88 ILE A CD1 1 
ATOM 129 N N   . LEU A 1 20 ? -0.343  -5.183  -3.403  1.00 11.97  ? 89 LEU A N   1 
ATOM 130 C CA  . LEU A 1 20 ? -1.297  -6.248  -3.161  1.00 15.64  ? 89 LEU A CA  1 
ATOM 131 C C   . LEU A 1 20 ? -2.532  -6.088  -4.044  1.00 17.03  ? 89 LEU A C   1 
ATOM 132 O O   . LEU A 1 20 ? -3.138  -7.076  -4.460  1.00 22.83  ? 89 LEU A O   1 
ATOM 133 C CB  . LEU A 1 20 ? -1.704  -6.287  -1.690  1.00 15.16  ? 89 LEU A CB  1 
ATOM 134 C CG  . LEU A 1 20 ? -0.659  -6.723  -0.666  1.00 18.76  ? 89 LEU A CG  1 
ATOM 135 C CD1 . LEU A 1 20 ? -1.275  -6.814  0.731   1.00 18.26  ? 89 LEU A CD1 1 
ATOM 136 C CD2 . LEU A 1 20 ? -0.088  -8.055  -1.049  1.00 17.08  ? 89 LEU A CD2 1 
ATOM 137 N N   . LEU A 1 21 ? -2.902  -4.847  -4.339  1.00 17.01  ? 90 LEU A N   1 
ATOM 138 C CA  . LEU A 1 21 ? -4.045  -4.589  -5.223  1.00 21.28  ? 90 LEU A CA  1 
ATOM 139 C C   . LEU A 1 21 ? -3.729  -4.960  -6.679  1.00 19.34  ? 90 LEU A C   1 
ATOM 140 O O   . LEU A 1 21 ? -4.576  -5.485  -7.405  1.00 18.95  ? 90 LEU A O   1 
ATOM 141 C CB  . LEU A 1 21 ? -4.463  -3.122  -5.124  1.00 14.32  ? 90 LEU A CB  1 
ATOM 142 C CG  . LEU A 1 21 ? -5.871  -2.691  -5.508  1.00 26.43  ? 90 LEU A CG  1 
ATOM 143 C CD1 . LEU A 1 21 ? -6.909  -3.589  -4.863  1.00 31.06  ? 90 LEU A CD1 1 
ATOM 144 C CD2 . LEU A 1 21 ? -6.061  -1.261  -5.065  1.00 21.46  ? 90 LEU A CD2 1 
ATOM 145 N N   . ILE A 1 22 ? -2.509  -4.684  -7.111  1.00 16.80  ? 91 ILE A N   1 
ATOM 146 C CA  . ILE A 1 22 ? -2.079  -5.105  -8.437  1.00 16.69  ? 91 ILE A CA  1 
ATOM 147 C C   . ILE A 1 22 ? -2.087  -6.633  -8.541  1.00 21.02  ? 91 ILE A C   1 
ATOM 148 O O   . ILE A 1 22 ? -2.635  -7.202  -9.488  1.00 23.14  ? 91 ILE A O   1 
ATOM 149 C CB  . ILE A 1 22 ? -0.681  -4.561  -8.765  1.00 16.48  ? 91 ILE A CB  1 
ATOM 150 C CG1 . ILE A 1 22 ? -0.718  -3.030  -8.800  1.00 14.90  ? 91 ILE A CG1 1 
ATOM 151 C CG2 . ILE A 1 22 ? -0.176  -5.133  -10.091 1.00 20.71  ? 91 ILE A CG2 1 
ATOM 152 C CD1 . ILE A 1 22 ? 0.607   -2.389  -9.131  1.00 15.47  ? 91 ILE A CD1 1 
ATOM 153 N N   . SER A 1 23 ? -1.482  -7.279  -7.550  1.00 21.14  ? 92 SER A N   1 
ATOM 154 C CA  . SER A 1 23 ? -1.411  -8.732  -7.468  1.00 19.47  ? 92 SER A CA  1 
ATOM 155 C C   . SER A 1 23 ? -2.805  -9.348  -7.570  1.00 21.28  ? 92 SER A C   1 
ATOM 156 O O   . SER A 1 23 ? -3.057  -10.262 -8.364  1.00 23.88  ? 92 SER A O   1 
ATOM 157 C CB  . SER A 1 23 ? -0.723  -9.132  -6.158  1.00 29.49  ? 92 SER A CB  1 
ATOM 158 O OG  . SER A 1 23 ? -0.572  -10.531 -6.030  1.00 39.92  ? 92 SER A OG  1 
ATOM 159 N N   . TYR A 1 24 ? -3.722  -8.818  -6.768  1.00 26.54  ? 93 TYR A N   1 
ATOM 160 C CA  . TYR A 1 24 ? -5.097  -9.286  -6.783  1.00 27.68  ? 93 TYR A CA  1 
ATOM 161 C C   . TYR A 1 24 ? -5.681  -9.040  -8.172  1.00 27.37  ? 93 TYR A C   1 
ATOM 162 O O   . TYR A 1 24 ? -6.263  -9.932  -8.778  1.00 28.88  ? 93 TYR A O   1 
ATOM 163 C CB  . TYR A 1 24 ? -5.914  -8.584  -5.691  1.00 21.26  ? 93 TYR A CB  1 
ATOM 164 C CG  . TYR A 1 24 ? -7.395  -8.899  -5.708  1.00 33.29  ? 93 TYR A CG  1 
ATOM 165 C CD1 . TYR A 1 24 ? -7.875  -10.103 -5.207  1.00 28.66  ? 93 TYR A CD1 1 
ATOM 166 C CD2 . TYR A 1 24 ? -8.308  -7.990  -6.211  1.00 23.51  ? 93 TYR A CD2 1 
ATOM 167 C CE1 . TYR A 1 24 ? -9.208  -10.392 -5.218  1.00 29.00  ? 93 TYR A CE1 1 
ATOM 168 C CE2 . TYR A 1 24 ? -9.641  -8.273  -6.222  1.00 26.12  ? 93 TYR A CE2 1 
ATOM 169 C CZ  . TYR A 1 24 ? -10.085 -9.475  -5.726  1.00 32.94  ? 93 TYR A CZ  1 
ATOM 170 O OH  . TYR A 1 24 ? -11.421 -9.758  -5.738  1.00 37.68  ? 93 TYR A OH  1 
ATOM 171 N N   . GLY A 1 25 ? -5.478  -7.834  -8.688  1.00 27.56  ? 94 GLY A N   1 
ATOM 172 C CA  . GLY A 1 25 ? -5.951  -7.485  -10.013 1.00 26.35  ? 94 GLY A CA  1 
ATOM 173 C C   . GLY A 1 25 ? -5.491  -8.408  -11.134 1.00 30.85  ? 94 GLY A C   1 
ATOM 174 O O   . GLY A 1 25 ? -6.270  -8.719  -12.028 1.00 34.40  ? 94 GLY A O   1 
ATOM 175 N N   . ILE A 1 26 ? -4.237  -8.853  -11.112 1.00 30.72  ? 95 ILE A N   1 
ATOM 176 C CA  . ILE A 1 26 ? -3.759  -9.676  -12.224 1.00 36.00  ? 95 ILE A CA  1 
ATOM 177 C C   . ILE A 1 26 ? -4.163  -11.142 -12.070 1.00 41.88  ? 95 ILE A C   1 
ATOM 178 O O   . ILE A 1 26 ? -4.297  -11.854 -13.063 1.00 44.79  ? 95 ILE A O   1 
ATOM 179 C CB  . ILE A 1 26 ? -2.237  -9.571  -12.399 1.00 31.59  ? 95 ILE A CB  1 
ATOM 180 C CG1 . ILE A 1 26 ? -1.501  -10.099 -11.177 1.00 44.59  ? 95 ILE A CG1 1 
ATOM 181 C CG2 . ILE A 1 26 ? -1.852  -8.139  -12.636 1.00 28.34  ? 95 ILE A CG2 1 
ATOM 182 C CD1 . ILE A 1 26 ? -0.054  -9.654  -11.114 1.00 56.29  ? 95 ILE A CD1 1 
ATOM 183 N N   . ARG A 1 27 ? -4.375  -11.583 -10.832 1.00 44.07  ? 96 ARG A N   1 
ATOM 184 C CA  . ARG A 1 27 ? -4.939  -12.902 -10.585 1.00 48.82  ? 96 ARG A CA  1 
ATOM 185 C C   . ARG A 1 27 ? -6.293  -12.994 -11.269 1.00 76.51  ? 96 ARG A C   1 
ATOM 186 O O   . ARG A 1 27 ? -6.563  -13.924 -12.029 1.00 72.86  ? 96 ARG A O   1 
ATOM 187 C CB  . ARG A 1 27 ? -5.084  -13.163 -9.085  1.00 37.76  ? 96 ARG A CB  1 
ATOM 188 N N   . ARG A 1 28 ? -7.121  -11.986 -11.017 1.00 109.45 ? 97 ARG A N   1 
ATOM 189 C CA  . ARG A 1 28 ? -8.510  -11.976 -11.455 1.00 126.28 ? 97 ARG A CA  1 
ATOM 190 C C   . ARG A 1 28 ? -8.759  -11.175 -12.739 1.00 135.45 ? 97 ARG A C   1 
ATOM 191 O O   . ARG A 1 28 ? -9.836  -10.604 -12.917 1.00 149.94 ? 97 ARG A O   1 
ATOM 192 C CB  . ARG A 1 28 ? -9.397  -11.425 -10.332 1.00 126.38 ? 97 ARG A CB  1 
ATOM 193 N N   . LEU A 1 29 ? -7.771  -11.127 -13.630 1.00 91.41  ? 98 LEU A N   1 
ATOM 194 C CA  . LEU A 1 29 ? -7.962  -10.478 -14.925 1.00 61.19  ? 98 LEU A CA  1 
ATOM 195 C C   . LEU A 1 29 ? -6.957  -10.994 -15.944 1.00 66.32  ? 98 LEU A C   1 
ATOM 196 O O   . LEU A 1 29 ? -7.238  -11.020 -17.142 1.00 71.98  ? 98 LEU A O   1 
ATOM 197 C CB  . LEU A 1 29 ? -7.852  -8.956  -14.799 1.00 51.35  ? 98 LEU A CB  1 
# 
loop_
_atom_site_anisotrop.id 
_atom_site_anisotrop.type_symbol 
_atom_site_anisotrop.pdbx_label_atom_id 
_atom_site_anisotrop.pdbx_label_alt_id 
_atom_site_anisotrop.pdbx_label_comp_id 
_atom_site_anisotrop.pdbx_label_asym_id 
_atom_site_anisotrop.pdbx_label_seq_id 
_atom_site_anisotrop.pdbx_PDB_ins_code 
_atom_site_anisotrop.U[1][1] 
_atom_site_anisotrop.U[2][2] 
_atom_site_anisotrop.U[3][3] 
_atom_site_anisotrop.U[1][2] 
_atom_site_anisotrop.U[1][3] 
_atom_site_anisotrop.U[2][3] 
_atom_site_anisotrop.pdbx_auth_seq_id 
_atom_site_anisotrop.pdbx_auth_comp_id 
_atom_site_anisotrop.pdbx_auth_asym_id 
_atom_site_anisotrop.pdbx_auth_atom_id 
1   N N   . PRO A 2  ? 0.8941 0.9805 0.8719 -0.1522 0.0065  -0.2849 71 PRO A N   
2   C CA  . PRO A 2  ? 0.9461 1.0445 0.8679 -0.1508 0.0213  -0.2836 71 PRO A CA  
3   C C   . PRO A 2  ? 0.7435 0.8472 0.6807 -0.1367 0.0357  -0.2588 71 PRO A C   
4   O O   . PRO A 2  ? 0.6945 0.8149 0.5871 -0.1394 0.0322  -0.2378 71 PRO A O   
5   C CB  . PRO A 2  ? 1.0588 1.1403 0.9811 -0.1490 0.0489  -0.3177 71 PRO A CB  
6   C CG  . PRO A 2  ? 1.0334 1.0865 1.0250 -0.1393 0.0558  -0.3266 71 PRO A CG  
7   C CD  . PRO A 2  ? 0.9887 1.0439 1.0028 -0.1484 0.0265  -0.3115 71 PRO A CD  
8   N N   . GLU A 3  ? 0.5275 0.6132 0.5268 -0.1214 0.0504  -0.2583 72 GLU A N   
9   C CA  . GLU A 3  ? 0.4902 0.5789 0.5104 -0.1057 0.0612  -0.2343 72 GLU A CA  
10  C C   . GLU A 3  ? 0.3202 0.4192 0.3540 -0.1022 0.0350  -0.1928 72 GLU A C   
11  O O   . GLU A 3  ? 0.2911 0.3909 0.3459 -0.0862 0.0392  -0.1623 72 GLU A O   
12  C CB  . GLU A 3  ? 0.6312 0.6949 0.7125 -0.0852 0.0820  -0.2399 72 GLU A CB  
13  C CG  . GLU A 3  ? 0.6541 0.6900 0.7795 -0.0857 0.0739  -0.2441 72 GLU A CG  
14  C CD  . GLU A 3  ? 0.7985 0.8068 0.9745 -0.0634 0.0896  -0.2373 72 GLU A CD  
15  O OE1 . GLU A 3  ? 0.8000 0.8136 0.9911 -0.0452 0.0971  -0.2167 72 GLU A OE1 
16  O OE2 . GLU A 3  ? 0.9448 0.9264 1.1421 -0.0640 0.0913  -0.2494 72 GLU A OE2 
17  N N   . ILE A 4  ? 0.3398 0.4498 0.3639 -0.1172 0.0078  -0.1952 73 ILE A N   
18  C CA  . ILE A 4  ? 0.3073 0.4335 0.3524 -0.1128 -0.0176 -0.1613 73 ILE A CA  
19  C C   . ILE A 4  ? 0.2906 0.4277 0.3020 -0.1033 -0.0234 -0.1270 73 ILE A C   
20  O O   . ILE A 4  ? 0.2468 0.3861 0.2878 -0.0888 -0.0278 -0.0974 73 ILE A O   
21  C CB  . ILE A 4  ? 0.3736 0.5200 0.4137 -0.1312 -0.0492 -0.1742 73 ILE A CB  
22  C CG1 . ILE A 4  ? 0.3796 0.5500 0.4495 -0.1226 -0.0744 -0.1406 73 ILE A CG1 
23  C CG2 . ILE A 4  ? 0.5488 0.7034 0.5134 -0.1446 -0.0602 -0.1887 73 ILE A CG2 
24  C CD1 . ILE A 4  ? 0.4701 0.6326 0.6074 -0.1108 -0.0603 -0.1256 73 ILE A CD1 
25  N N   . THR A 5  ? 0.4879 0.6287 0.4347 -0.1134 -0.0213 -0.1330 74 THR A N   
26  C CA  . THR A 5  ? 0.6764 0.8183 0.5832 -0.1093 -0.0215 -0.1023 74 THR A CA  
27  C C   . THR A 5  ? 0.3945 0.5263 0.3355 -0.0936 0.0046  -0.0890 74 THR A C   
28  O O   . THR A 5  ? 0.2972 0.4263 0.2505 -0.0824 -0.0021 -0.0583 74 THR A O   
29  C CB  . THR A 5  ? 0.8955 1.0399 0.7214 -0.1282 -0.0138 -0.1152 74 THR A CB  
30  O OG1 . THR A 5  ? 0.7685 0.9095 0.5986 -0.1321 0.0218  -0.1508 74 THR A OG1 
31  C CG2 . THR A 5  ? 0.7859 0.9423 0.5671 -0.1446 -0.0459 -0.1268 74 THR A CG2 
32  N N   . LEU A 6  ? 0.3582 0.4850 0.3170 -0.0918 0.0327  -0.1149 75 LEU A N   
33  C CA  . LEU A 6  ? 0.3770 0.5004 0.3704 -0.0769 0.0546  -0.1068 75 LEU A CA  
34  C C   . LEU A 6  ? 0.2722 0.3878 0.3199 -0.0596 0.0460  -0.0868 75 LEU A C   
35  O O   . LEU A 6  ? 0.2517 0.3674 0.3128 -0.0490 0.0496  -0.0654 75 LEU A O   
36  C CB  . LEU A 6  ? 0.3104 0.4331 0.3206 -0.0748 0.0824  -0.1417 75 LEU A CB  
37  C CG  . LEU A 6  ? 0.3206 0.4580 0.2805 -0.0902 0.1032  -0.1604 75 LEU A CG  
38  C CD1 . LEU A 6  ? 0.4367 0.5700 0.4312 -0.0817 0.1228  -0.1890 75 LEU A CD1 
39  C CD2 . LEU A 6  ? 0.3634 0.5108 0.3100 -0.0914 0.1106  -0.1321 75 LEU A CD2 
40  N N   . ILE A 7  ? 0.1891 0.2978 0.2655 -0.0597 0.0361  -0.0950 76 ILE A N   
41  C CA  . ILE A 7  ? 0.2474 0.3490 0.3694 -0.0468 0.0321  -0.0759 76 ILE A CA  
42  C C   . ILE A 7  ? 0.1952 0.3079 0.3122 -0.0424 0.0153  -0.0468 76 ILE A C   
43  O O   . ILE A 7  ? 0.1634 0.2731 0.2981 -0.0295 0.0198  -0.0281 76 ILE A O   
44  C CB  . ILE A 7  ? 0.1585 0.2503 0.3123 -0.0536 0.0275  -0.0902 76 ILE A CB  
45  C CG1 . ILE A 7  ? 0.2543 0.3225 0.4247 -0.0510 0.0466  -0.1155 76 ILE A CG1 
46  C CG2 . ILE A 7  ? 0.1260 0.2162 0.3179 -0.0459 0.0240  -0.0669 76 ILE A CG2 
47  C CD1 . ILE A 7  ? 0.3476 0.3974 0.5437 -0.0631 0.0438  -0.1347 76 ILE A CD1 
48  N N   . ILE A 8  ? 0.1515 0.2767 0.2439 -0.0518 -0.0055 -0.0442 77 ILE A N   
49  C CA  . ILE A 8  ? 0.1398 0.2733 0.2342 -0.0438 -0.0237 -0.0183 77 ILE A CA  
50  C C   . ILE A 8  ? 0.1376 0.2602 0.2049 -0.0378 -0.0159 -0.0004 77 ILE A C   
51  O O   . ILE A 8  ? 0.1138 0.2322 0.1987 -0.0253 -0.0175 0.0178  77 ILE A O   
52  C CB  . ILE A 8  ? 0.3409 0.4910 0.4152 -0.0527 -0.0531 -0.0182 77 ILE A CB  
53  C CG1 . ILE A 8  ? 0.2723 0.4382 0.3869 -0.0610 -0.0619 -0.0372 77 ILE A CG1 
54  C CG2 . ILE A 8  ? 0.2875 0.4421 0.3638 -0.0392 -0.0736 0.0102  77 ILE A CG2 
55  C CD1 . ILE A 8  ? 0.2180 0.4055 0.3117 -0.0739 -0.0929 -0.0464 77 ILE A CD1 
56  N N   . PHE A 9  ? 0.2107 0.3291 0.2369 -0.0488 -0.0050 -0.0084 78 PHE A N   
57  C CA  . PHE A 9  ? 0.3302 0.4394 0.3346 -0.0490 0.0066  0.0060  78 PHE A CA  
58  C C   . PHE A 9  ? 0.1775 0.2845 0.2230 -0.0359 0.0218  0.0075  78 PHE A C   
59  O O   . PHE A 9  ? 0.1496 0.2484 0.1985 -0.0299 0.0205  0.0248  78 PHE A O   
60  C CB  . PHE A 9  ? 0.3290 0.4412 0.2897 -0.0662 0.0242  -0.0085 78 PHE A CB  
61  C CG  . PHE A 9  ? 0.2622 0.3719 0.2183 -0.0696 0.0446  -0.0010 78 PHE A CG  
62  C CD1 . PHE A 9  ? 0.2296 0.3237 0.1538 -0.0765 0.0384  0.0252  78 PHE A CD1 
63  C CD2 . PHE A 9  ? 0.2733 0.3961 0.2619 -0.0661 0.0686  -0.0203 78 PHE A CD2 
64  C CE1 . PHE A 9  ? 0.2842 0.3768 0.2090 -0.0846 0.0580  0.0301  78 PHE A CE1 
65  C CE2 . PHE A 9  ? 0.3272 0.4520 0.3207 -0.0688 0.0828  -0.0157 78 PHE A CE2 
66  C CZ  . PHE A 9  ? 0.3464 0.4558 0.3094 -0.0791 0.0780  0.0079  78 PHE A CZ  
67  N N   . GLY A 10 ? 0.1504 0.2617 0.2251 -0.0316 0.0345  -0.0109 79 GLY A N   
68  C CA  . GLY A 10 ? 0.1506 0.2609 0.2585 -0.0186 0.0456  -0.0089 79 GLY A CA  
69  C C   . GLY A 10 ? 0.0554 0.1550 0.1741 -0.0067 0.0333  0.0077  79 GLY A C   
70  O O   . GLY A 10 ? 0.1384 0.2238 0.2444 -0.0003 0.0307  0.0120  79 GLY A O   
71  N N   . VAL A 11 ? 0.0531 0.1556 0.1865 -0.0065 0.0239  0.0106  80 VAL A N   
72  C CA  . VAL A 11 ? 0.0705 0.1559 0.1984 0.0028  0.0163  0.0186  80 VAL A CA  
73  C C   . VAL A 11 ? 0.1068 0.1899 0.2277 0.0069  0.0100  0.0321  80 VAL A C   
74  O O   . VAL A 11 ? 0.0770 0.1422 0.1855 0.0119  0.0122  0.0340  80 VAL A O   
75  C CB  . VAL A 11 ? 0.0967 0.1908 0.2440 0.0000  0.0104  0.0163  80 VAL A CB  
76  C CG1 . VAL A 11 ? 0.1438 0.2269 0.2865 0.0068  0.0091  0.0224  80 VAL A CG1 
77  C CG2 . VAL A 11 ? 0.0821 0.1694 0.2433 -0.0048 0.0184  0.0062  80 VAL A CG2 
78  N N   . ILE A 12 ? 0.0915 0.1933 0.2166 0.0025  -0.0013 0.0437  81 ILE A N   
79  C CA  . ILE A 12 ? 0.0793 0.1684 0.1919 0.0082  -0.0114 0.0598  81 ILE A CA  
80  C C   . ILE A 12 ? 0.1080 0.1818 0.2044 0.0045  0.0013  0.0625  81 ILE A C   
81  O O   . ILE A 12 ? 0.1536 0.2153 0.2581 0.0127  0.0020  0.0684  81 ILE A O   
82  C CB  . ILE A 12 ? 0.1718 0.2571 0.2536 0.0020  -0.0321 0.0694  81 ILE A CB  
83  C CG1 . ILE A 12 ? 0.1778 0.2849 0.2869 0.0081  -0.0515 0.0673  81 ILE A CG1 
84  C CG2 . ILE A 12 ? 0.1880 0.2465 0.2489 0.0063  -0.0406 0.0895  81 ILE A CG2 
85  C CD1 . ILE A 12 ? 0.2030 0.3129 0.2793 0.0018  -0.0781 0.0751  81 ILE A CD1 
86  N N   . ALA A 13 ? 0.1338 0.2109 0.2108 -0.0088 0.0127  0.0543  82 ALA A N   
87  C CA  . ALA A 13 ? 0.1500 0.2219 0.2206 -0.0159 0.0255  0.0541  82 ALA A CA  
88  C C   . ALA A 13 ? 0.1667 0.2363 0.2573 -0.0035 0.0280  0.0432  82 ALA A C   
89  O O   . ALA A 13 ? 0.1291 0.1903 0.2201 -0.0036 0.0286  0.0458  82 ALA A O   
90  C CB  . ALA A 13 ? 0.1168 0.2014 0.1704 -0.0318 0.0405  0.0422  82 ALA A CB  
91  N N   . GLY A 14 ? 0.0638 0.1312 0.1559 0.0033  0.0257  0.0303  83 GLY A N   
92  C CA  . GLY A 14 ? 0.1183 0.1737 0.2048 0.0096  0.0226  0.0244  83 GLY A CA  
93  C C   . GLY A 14 ? 0.1095 0.1534 0.1937 0.0137  0.0196  0.0320  83 GLY A C   
94  O O   . GLY A 14 ? 0.1408 0.1829 0.2239 0.0150  0.0202  0.0312  83 GLY A O   
95  N N   . VAL A 15 ? 0.0972 0.1399 0.1858 0.0154  0.0172  0.0370  84 VAL A N   
96  C CA  . VAL A 15 ? 0.0820 0.1201 0.1724 0.0193  0.0168  0.0384  84 VAL A CA  
97  C C   . VAL A 15 ? 0.2510 0.2853 0.3484 0.0213  0.0170  0.0443  84 VAL A C   
98  O O   . VAL A 15 ? 0.1315 0.1613 0.2284 0.0248  0.0191  0.0396  84 VAL A O   
99  C CB  . VAL A 15 ? 0.0940 0.1382 0.1954 0.0223  0.0126  0.0393  84 VAL A CB  
100 C CG1 . VAL A 15 ? 0.0833 0.1261 0.1924 0.0301  0.0114  0.0384  84 VAL A CG1 
101 C CG2 . VAL A 15 ? 0.1720 0.2193 0.2786 0.0202  0.0162  0.0376  84 VAL A CG2 
102 N N   . ILE A 16 ? 0.1415 0.1778 0.2485 0.0201  0.0140  0.0573  85 ILE A N   
103 C CA  . ILE A 16 ? 0.0841 0.0998 0.1907 0.0207  0.0107  0.0669  85 ILE A CA  
104 C C   . ILE A 16 ? 0.1291 0.1451 0.2354 0.0107  0.0201  0.0606  85 ILE A C   
105 O O   . ILE A 16 ? 0.1278 0.1257 0.2343 0.0106  0.0203  0.0558  85 ILE A O   
106 C CB  . ILE A 16 ? 0.1185 0.1168 0.2018 0.0117  0.0016  0.0835  85 ILE A CB  
107 C CG1 . ILE A 16 ? 0.1293 0.1299 0.2130 0.0223  -0.0132 0.0846  85 ILE A CG1 
108 C CG2 . ILE A 16 ? 0.1578 0.1203 0.2208 0.0015  0.0015  0.0892  85 ILE A CG2 
109 C CD1 . ILE A 16 ? 0.2557 0.2430 0.3078 0.0141  -0.0265 0.1022  85 ILE A CD1 
110 N N   . GLY A 17 ? 0.0752 0.1144 0.1821 0.0012  0.0273  0.0551  86 GLY A N   
111 C CA  . GLY A 17 ? 0.0803 0.1289 0.1880 -0.0078 0.0318  0.0424  86 GLY A CA  
112 C C   . GLY A 17 ? 0.1185 0.1713 0.2359 0.0024  0.0289  0.0341  86 GLY A C   
113 O O   . GLY A 17 ? 0.0847 0.1373 0.2103 -0.0055 0.0296  0.0279  86 GLY A O   
114 N N   . THR A 18 ? 0.1137 0.1633 0.2164 0.0137  0.0238  0.0308  87 THR A N   
115 C CA  . THR A 18 ? 0.1222 0.1767 0.2214 0.0204  0.0217  0.0241  87 THR A CA  
116 C C   . THR A 18 ? 0.1040 0.1508 0.2155 0.0268  0.0255  0.0228  87 THR A C   
117 O O   . THR A 18 ? 0.1070 0.1592 0.2205 0.0265  0.0246  0.0128  87 THR A O   
118 C CB  . THR A 18 ? 0.1747 0.2240 0.2576 0.0243  0.0200  0.0242  87 THR A CB  
119 O OG1 . THR A 18 ? 0.1920 0.2435 0.2741 0.0219  0.0191  0.0254  87 THR A OG1 
120 C CG2 . THR A 18 ? 0.1636 0.2207 0.2452 0.0321  0.0214  0.0226  87 THR A CG2 
121 N N   . ILE A 19 ? 0.1746 0.2030 0.2851 0.0309  0.0259  0.0278  88 ILE A N   
122 C CA  . ILE A 19 ? 0.2016 0.2073 0.3191 0.0397  0.0275  0.0224  88 ILE A CA  
123 C C   . ILE A 19 ? 0.2205 0.2017 0.3330 0.0254  0.0247  0.0165  88 ILE A C   
124 O O   . ILE A 19 ? 0.1710 0.1382 0.2781 0.0249  0.0252  0.0004  88 ILE A O   
125 C CB  . ILE A 19 ? 0.1407 0.1347 0.2539 0.0434  0.0216  0.0286  88 ILE A CB  
126 C CG1 . ILE A 19 ? 0.1369 0.1505 0.2430 0.0461  0.0221  0.0244  88 ILE A CG1 
127 C CG2 . ILE A 19 ? 0.1819 0.1437 0.2990 0.0517  0.0194  0.0233  88 ILE A CG2 
128 C CD1 . ILE A 19 ? 0.1866 0.1984 0.2995 0.0518  0.0156  0.0270  88 ILE A CD1 
129 N N   . LEU A 20 ? 0.1229 0.0990 0.2330 0.0099  0.0229  0.0274  89 LEU A N   
130 C CA  . LEU A 20 ? 0.1791 0.1313 0.2839 -0.0104 0.0228  0.0239  89 LEU A CA  
131 C C   . LEU A 20 ? 0.1858 0.1645 0.2970 -0.0225 0.0231  0.0058  89 LEU A C   
132 O O   . LEU A 20 ? 0.2652 0.2256 0.3765 -0.0369 0.0216  -0.0070 89 LEU A O   
133 C CB  . LEU A 20 ? 0.1784 0.1237 0.2739 -0.0274 0.0253  0.0414  89 LEU A CB  
134 C CG  . LEU A 20 ? 0.2396 0.1522 0.3211 -0.0200 0.0190  0.0625  89 LEU A CG  
135 C CD1 . LEU A 20 ? 0.2437 0.1512 0.2990 -0.0415 0.0224  0.0764  89 LEU A CD1 
136 C CD2 . LEU A 20 ? 0.2348 0.1005 0.3138 -0.0118 0.0125  0.0613  89 LEU A CD2 
137 N N   . LEU A 21 ? 0.1688 0.1896 0.2880 -0.0164 0.0225  0.0042  90 LEU A N   
138 C CA  . LEU A 21 ? 0.2093 0.2616 0.3378 -0.0229 0.0166  -0.0110 90 LEU A CA  
139 C C   . LEU A 21 ? 0.1919 0.2378 0.3052 -0.0139 0.0100  -0.0261 90 LEU A C   
140 O O   . LEU A 21 ? 0.1841 0.2380 0.2980 -0.0257 0.0020  -0.0437 90 LEU A O   
141 C CB  . LEU A 21 ? 0.1031 0.1957 0.2454 -0.0137 0.0155  -0.0056 90 LEU A CB  
142 C CG  . LEU A 21 ? 0.2348 0.3690 0.4004 -0.0198 0.0076  -0.0166 90 LEU A CG  
143 C CD1 . LEU A 21 ? 0.2857 0.4254 0.4690 -0.0465 0.0124  -0.0257 90 LEU A CD1 
144 C CD2 . LEU A 21 ? 0.1686 0.3169 0.3300 -0.0060 0.0084  -0.0050 90 LEU A CD2 
145 N N   . ILE A 22 ? 0.1677 0.2029 0.2676 0.0049  0.0144  -0.0215 91 ILE A N   
146 C CA  . ILE A 22 ? 0.1758 0.2032 0.2551 0.0127  0.0140  -0.0378 91 ILE A CA  
147 C C   . ILE A 22 ? 0.2443 0.2332 0.3212 0.0029  0.0147  -0.0558 91 ILE A C   
148 O O   . ILE A 22 ? 0.2758 0.2633 0.3399 -0.0056 0.0089  -0.0785 91 ILE A O   
149 C CB  . ILE A 22 ? 0.1762 0.2022 0.2477 0.0325  0.0248  -0.0301 91 ILE A CB  
150 C CG1 . ILE A 22 ? 0.1461 0.2021 0.2179 0.0392  0.0242  -0.0131 91 ILE A CG1 
151 C CG2 . ILE A 22 ? 0.2408 0.2580 0.2881 0.0391  0.0307  -0.0508 91 ILE A CG2 
152 C CD1 . ILE A 22 ? 0.1540 0.2121 0.2217 0.0528  0.0372  -0.0046 91 ILE A CD1 
153 N N   . SER A 23 ? 0.2534 0.2084 0.3413 0.0040  0.0200  -0.0453 92 SER A N   
154 C CA  . SER A 23 ? 0.2484 0.1540 0.3372 -0.0034 0.0206  -0.0569 92 SER A CA  
155 C C   . SER A 23 ? 0.2717 0.1744 0.3624 -0.0321 0.0143  -0.0710 92 SER A C   
156 O O   . SER A 23 ? 0.3144 0.1942 0.3987 -0.0407 0.0121  -0.0967 92 SER A O   
157 C CB  . SER A 23 ? 0.3832 0.2554 0.4819 0.0015  0.0219  -0.0334 92 SER A CB  
158 O OG  . SER A 23 ? 0.5343 0.3485 0.6341 -0.0022 0.0212  -0.0397 92 SER A OG  
159 N N   . TYR A 24 ? 0.3251 0.2551 0.4283 -0.0484 0.0128  -0.0574 93 TYR A N   
160 C CA  . TYR A 24 ? 0.3315 0.2723 0.4478 -0.0782 0.0087  -0.0705 93 TYR A CA  
161 C C   . TYR A 24 ? 0.3171 0.2934 0.4294 -0.0783 -0.0037 -0.0967 93 TYR A C   
162 O O   . TYR A 24 ? 0.3401 0.3042 0.4530 -0.0970 -0.0099 -0.1215 93 TYR A O   
163 C CB  . TYR A 24 ? 0.2323 0.2080 0.3673 -0.0919 0.0135  -0.0534 93 TYR A CB  
164 C CG  . TYR A 24 ? 0.3665 0.3711 0.5273 -0.1231 0.0116  -0.0686 93 TYR A CG  
165 C CD1 . TYR A 24 ? 0.3213 0.2893 0.4782 -0.1469 0.0164  -0.0662 93 TYR A CD1 
166 C CD2 . TYR A 24 ? 0.2136 0.2827 0.3971 -0.1216 0.0021  -0.0792 93 TYR A CD2 
167 C CE1 . TYR A 24 ? 0.3099 0.3073 0.4844 -0.1672 0.0133  -0.0737 93 TYR A CE1 
168 C CE2 . TYR A 24 ? 0.2325 0.3282 0.4320 -0.1379 -0.0024 -0.0854 93 TYR A CE2 
169 C CZ  . TYR A 24 ? 0.3306 0.3928 0.5284 -0.1622 0.0045  -0.0842 93 TYR A CZ  
170 O OH  . TYR A 24 ? 0.3723 0.4650 0.5943 -0.1801 0.0013  -0.0920 93 TYR A OH  
171 N N   . GLY A 25 ? 0.3088 0.3252 0.4132 -0.0579 -0.0086 -0.0905 94 GLY A N   
172 C CA  . GLY A 25 ? 0.2872 0.3366 0.3773 -0.0549 -0.0237 -0.1088 94 GLY A CA  
173 C C   . GLY A 25 ? 0.3642 0.3839 0.4240 -0.0547 -0.0251 -0.1362 94 GLY A C   
174 O O   . GLY A 25 ? 0.4063 0.4435 0.4572 -0.0678 -0.0404 -0.1608 94 GLY A O   
175 N N   . ILE A 26 ? 0.3812 0.3593 0.4269 -0.0395 -0.0100 -0.1355 95 ILE A N   
176 C CA  . ILE A 26 ? 0.4662 0.4181 0.4835 -0.0364 -0.0072 -0.1667 95 ILE A CA  
177 C C   . ILE A 26 ? 0.5526 0.4569 0.5817 -0.0581 -0.0079 -0.1909 95 ILE A C   
178 O O   . ILE A 26 ? 0.6012 0.4912 0.6096 -0.0657 -0.0116 -0.2261 95 ILE A O   
179 C CB  . ILE A 26 ? 0.4207 0.3536 0.4258 -0.0094 0.0115  -0.1620 95 ILE A CB  
180 C CG1 . ILE A 26 ? 0.5887 0.4816 0.6239 -0.0018 0.0215  -0.1445 95 ILE A CG1 
181 C CG2 . ILE A 26 ? 0.3699 0.3450 0.3620 0.0065  0.0137  -0.1393 95 ILE A CG2 
182 C CD1 . ILE A 26 ? 0.7351 0.6297 0.7741 0.0261  0.0363  -0.1325 95 ILE A CD1 
183 N N   . ARG A 27 ? 0.5796 0.4567 0.6381 -0.0703 -0.0038 -0.1724 96 ARG A N   
184 C CA  . ARG A 27 ? 0.6515 0.4820 0.7215 -0.0959 -0.0048 -0.1868 96 ARG A CA  
185 C C   . ARG A 27 ? 0.9892 0.8583 1.0596 -0.1212 -0.0209 -0.2061 96 ARG A C   
186 O O   . ARG A 27 ? 0.9553 0.8021 1.0111 -0.1309 -0.0266 -0.2294 96 ARG A O   
187 C CB  . ARG A 27 ? 0.5129 0.3183 0.6036 -0.1065 0.0017  -0.1528 96 ARG A CB  
188 N N   . ARG A 28 ? 1.3798 1.3097 1.4690 -0.1288 -0.0298 -0.1957 97 ARG A N   
189 C CA  . ARG A 28 ? 1.5734 1.5493 1.6755 -0.1491 -0.0469 -0.2054 97 ARG A CA  
190 C C   . ARG A 28 ? 1.6796 1.7074 1.7594 -0.1374 -0.0670 -0.2213 97 ARG A C   
191 O O   . ARG A 28 ? 1.8387 1.9211 1.9372 -0.1431 -0.0837 -0.2173 97 ARG A O   
192 C CB  . ARG A 28 ? 1.5494 1.5627 1.6899 -0.1605 -0.0437 -0.1802 97 ARG A CB  
193 N N   . LEU A 29 ? 1.1418 1.1519 1.1792 -0.1186 -0.0647 -0.2356 98 LEU A N   
194 C CA  . LEU A 29 ? 0.7581 0.8089 0.7579 -0.1084 -0.0834 -0.2462 98 LEU A CA  
195 C C   . LEU A 29 ? 0.8529 0.8669 0.8001 -0.0962 -0.0732 -0.2677 98 LEU A C   
196 O O   . LEU A 29 ? 0.9331 0.9614 0.8406 -0.0974 -0.0871 -0.2831 98 LEU A O   
197 C CB  . LEU A 29 ? 0.6171 0.7174 0.6165 -0.0878 -0.0904 -0.2215 98 LEU A CB  
# 
loop_
_pdbx_poly_seq_scheme.asym_id 
_pdbx_poly_seq_scheme.entity_id 
_pdbx_poly_seq_scheme.seq_id 
_pdbx_poly_seq_scheme.mon_id 
_pdbx_poly_seq_scheme.ndb_seq_num 
_pdbx_poly_seq_scheme.pdb_seq_num 
_pdbx_poly_seq_scheme.auth_seq_num 
_pdbx_poly_seq_scheme.pdb_mon_id 
_pdbx_poly_seq_scheme.auth_mon_id 
_pdbx_poly_seq_scheme.pdb_strand_id 
_pdbx_poly_seq_scheme.pdb_ins_code 
_pdbx_poly_seq_scheme.hetero 
A 1 1  GLU 1  70 ?  ?   ?   A . n 
A 1 2  PRO 2  71 71 PRO PRO A . n 
A 1 3  GLU 3  72 72 GLU GLU A . n 
A 1 4  ILE 4  73 73 ILE ILE A . n 
A 1 5  THR 5  74 74 THR THR A . n 
A 1 6  LEU 6  75 75 LEU LEU A . n 
A 1 7  ILE 7  76 76 ILE ILE A . n 
A 1 8  ILE 8  77 77 ILE ILE A . n 
A 1 9  PHE 9  78 78 PHE PHE A . n 
A 1 10 GLY 10 79 79 GLY GLY A . n 
A 1 11 VAL 11 80 80 VAL VAL A . n 
A 1 12 ILE 12 81 81 ILE ILE A . n 
A 1 13 ALA 13 82 82 ALA ALA A . n 
A 1 14 GLY 14 83 83 GLY GLY A . n 
A 1 15 VAL 15 84 84 VAL VAL A . n 
A 1 16 ILE 16 85 85 ILE ILE A . n 
A 1 17 GLY 17 86 86 GLY GLY A . n 
A 1 18 THR 18 87 87 THR THR A . n 
A 1 19 ILE 19 88 88 ILE ILE A . n 
A 1 20 LEU 20 89 89 LEU LEU A . n 
A 1 21 LEU 21 90 90 LEU LEU A . n 
A 1 22 ILE 22 91 91 ILE ILE A . n 
A 1 23 SER 23 92 92 SER SER A . n 
A 1 24 TYR 24 93 93 TYR TYR A . n 
A 1 25 GLY 25 94 94 GLY GLY A . n 
A 1 26 ILE 26 95 95 ILE ILE A . n 
A 1 27 ARG 27 96 96 ARG ARG A . n 
A 1 28 ARG 28 97 97 ARG ARG A . n 
A 1 29 LEU 29 98 98 LEU LEU A . n 
A 1 30 SCH 30 99 ?  ?   ?   A . n 
# 
_pdbx_struct_assembly.id                   1 
_pdbx_struct_assembly.details              author_and_software_defined_assembly 
_pdbx_struct_assembly.method_details       PISA 
_pdbx_struct_assembly.oligomeric_details   monomeric 
_pdbx_struct_assembly.oligomeric_count     1 
# 
_pdbx_struct_assembly_gen.assembly_id       1 
_pdbx_struct_assembly_gen.oper_expression   1 
_pdbx_struct_assembly_gen.asym_id_list      A 
# 
_pdbx_struct_oper_list.id                   1 
_pdbx_struct_oper_list.type                 'identity operation' 
_pdbx_struct_oper_list.name                 1_555 
_pdbx_struct_oper_list.symmetry_operation   x,y,z 
_pdbx_struct_oper_list.matrix[1][1]         1.0000000000 
_pdbx_struct_oper_list.matrix[1][2]         0.0000000000 
_pdbx_struct_oper_list.matrix[1][3]         0.0000000000 
_pdbx_struct_oper_list.vector[1]            0.0000000000 
_pdbx_struct_oper_list.matrix[2][1]         0.0000000000 
_pdbx_struct_oper_list.matrix[2][2]         1.0000000000 
_pdbx_struct_oper_list.matrix[2][3]         0.0000000000 
_pdbx_struct_oper_list.vector[2]            0.0000000000 
_pdbx_struct_oper_list.matrix[3][1]         0.0000000000 
_pdbx_struct_oper_list.matrix[3][2]         0.0000000000 
_pdbx_struct_oper_list.matrix[3][3]         1.0000000000 
_pdbx_struct_oper_list.vector[3]            0.0000000000 
# 
loop_
_pdbx_audit_revision_history.ordinal 
_pdbx_audit_revision_history.data_content_type 
_pdbx_audit_revision_history.major_revision 
_pdbx_audit_revision_history.minor_revision 
_pdbx_audit_revision_history.revision_date 
1 'Structure model' 1 0 2015-12-23 
2 'Structure model' 1 1 2016-01-06 
3 'Structure model' 1 2 2017-09-20 
4 'Structure model' 1 3 2018-01-17 
5 'Structure model' 1 4 2020-01-01 
6 'Structure model' 1 5 2023-09-27 
# 
_pdbx_audit_revision_details.ordinal             1 
_pdbx_audit_revision_details.revision_ordinal    1 
_pdbx_audit_revision_details.data_content_type   'Structure model' 
_pdbx_audit_revision_details.provider            repository 
_pdbx_audit_revision_details.type                'Initial release' 
_pdbx_audit_revision_details.description         ? 
_pdbx_audit_revision_details.details             ? 
# 
loop_
_pdbx_audit_revision_group.ordinal 
_pdbx_audit_revision_group.revision_ordinal 
_pdbx_audit_revision_group.data_content_type 
_pdbx_audit_revision_group.group 
1 2 'Structure model' 'Database references'        
2 3 'Structure model' 'Author supporting evidence' 
3 3 'Structure model' 'Data collection'            
4 3 'Structure model' 'Derived calculations'       
5 4 'Structure model' 'Author supporting evidence' 
6 5 'Structure model' 'Author supporting evidence' 
7 6 'Structure model' 'Data collection'            
8 6 'Structure model' 'Database references'        
9 6 'Structure model' 'Refinement description'     
# 
loop_
_pdbx_audit_revision_category.ordinal 
_pdbx_audit_revision_category.revision_ordinal 
_pdbx_audit_revision_category.data_content_type 
_pdbx_audit_revision_category.category 
1 3 'Structure model' diffrn_source                 
2 3 'Structure model' pdbx_audit_support            
3 3 'Structure model' pdbx_struct_oper_list         
4 4 'Structure model' pdbx_audit_support            
5 5 'Structure model' pdbx_audit_support            
6 6 'Structure model' chem_comp_atom                
7 6 'Structure model' chem_comp_bond                
8 6 'Structure model' database_2                    
9 6 'Structure model' pdbx_initial_refinement_model 
# 
loop_
_pdbx_audit_revision_item.ordinal 
_pdbx_audit_revision_item.revision_ordinal 
_pdbx_audit_revision_item.data_content_type 
_pdbx_audit_revision_item.item 
1 3 'Structure model' '_diffrn_source.pdbx_synchrotron_site'      
2 3 'Structure model' '_pdbx_audit_support.funding_organization'  
3 3 'Structure model' '_pdbx_struct_oper_list.symmetry_operation' 
4 4 'Structure model' '_pdbx_audit_support.funding_organization'  
5 5 'Structure model' '_pdbx_audit_support.funding_organization'  
6 6 'Structure model' '_database_2.pdbx_DOI'                      
7 6 'Structure model' '_database_2.pdbx_database_accession'       
# 
loop_
_software.citation_id 
_software.classification 
_software.compiler_name 
_software.compiler_version 
_software.contact_author 
_software.contact_author_email 
_software.date 
_software.description 
_software.dependencies 
_software.hardware 
_software.language 
_software.location 
_software.mods 
_software.name 
_software.os 
_software.os_version 
_software.type 
_software.version 
_software.pdbx_ordinal 
? refinement       ? ? ? ? ? ? ? ? ? ? ? PHENIX   ? ? ? 1.9_1692 1 
? 'data reduction' ? ? ? ? ? ? ? ? ? ? ? HKL-2000 ? ? ? .        2 
? 'data scaling'   ? ? ? ? ? ? ? ? ? ? ? HKL-2000 ? ? ? .        3 
? phasing          ? ? ? ? ? ? ? ? ? ? ? PHENIX   ? ? ? 1.9_1692 4 
# 
_pdbx_validate_torsion.id              1 
_pdbx_validate_torsion.PDB_model_num   1 
_pdbx_validate_torsion.auth_comp_id    ARG 
_pdbx_validate_torsion.auth_asym_id    A 
_pdbx_validate_torsion.auth_seq_id     97 
_pdbx_validate_torsion.PDB_ins_code    ? 
_pdbx_validate_torsion.label_alt_id    ? 
_pdbx_validate_torsion.phi             -98.71 
_pdbx_validate_torsion.psi             31.10 
# 
loop_
_pdbx_unobs_or_zero_occ_atoms.id 
_pdbx_unobs_or_zero_occ_atoms.PDB_model_num 
_pdbx_unobs_or_zero_occ_atoms.polymer_flag 
_pdbx_unobs_or_zero_occ_atoms.occupancy_flag 
_pdbx_unobs_or_zero_occ_atoms.auth_asym_id 
_pdbx_unobs_or_zero_occ_atoms.auth_comp_id 
_pdbx_unobs_or_zero_occ_atoms.auth_seq_id 
_pdbx_unobs_or_zero_occ_atoms.PDB_ins_code 
_pdbx_unobs_or_zero_occ_atoms.auth_atom_id 
_pdbx_unobs_or_zero_occ_atoms.label_alt_id 
_pdbx_unobs_or_zero_occ_atoms.label_asym_id 
_pdbx_unobs_or_zero_occ_atoms.label_comp_id 
_pdbx_unobs_or_zero_occ_atoms.label_seq_id 
_pdbx_unobs_or_zero_occ_atoms.label_atom_id 
1  1 Y 1 A ARG 96 ? CG  ? A ARG 27 CG  
2  1 Y 1 A ARG 96 ? CD  ? A ARG 27 CD  
3  1 Y 1 A ARG 96 ? NE  ? A ARG 27 NE  
4  1 Y 1 A ARG 96 ? CZ  ? A ARG 27 CZ  
5  1 Y 1 A ARG 96 ? NH1 ? A ARG 27 NH1 
6  1 Y 1 A ARG 96 ? NH2 ? A ARG 27 NH2 
7  1 Y 1 A ARG 97 ? CG  ? A ARG 28 CG  
8  1 Y 1 A ARG 97 ? CD  ? A ARG 28 CD  
9  1 Y 1 A ARG 97 ? NE  ? A ARG 28 NE  
10 1 Y 1 A ARG 97 ? CZ  ? A ARG 28 CZ  
11 1 Y 1 A ARG 97 ? NH1 ? A ARG 28 NH1 
12 1 Y 1 A ARG 97 ? NH2 ? A ARG 28 NH2 
13 1 Y 1 A LEU 98 ? CG  ? A LEU 29 CG  
14 1 Y 1 A LEU 98 ? CD1 ? A LEU 29 CD1 
15 1 Y 1 A LEU 98 ? CD2 ? A LEU 29 CD2 
# 
loop_
_pdbx_unobs_or_zero_occ_residues.id 
_pdbx_unobs_or_zero_occ_residues.PDB_model_num 
_pdbx_unobs_or_zero_occ_residues.polymer_flag 
_pdbx_unobs_or_zero_occ_residues.occupancy_flag 
_pdbx_unobs_or_zero_occ_residues.auth_asym_id 
_pdbx_unobs_or_zero_occ_residues.auth_comp_id 
_pdbx_unobs_or_zero_occ_residues.auth_seq_id 
_pdbx_unobs_or_zero_occ_residues.PDB_ins_code 
_pdbx_unobs_or_zero_occ_residues.label_asym_id 
_pdbx_unobs_or_zero_occ_residues.label_comp_id 
_pdbx_unobs_or_zero_occ_residues.label_seq_id 
1 1 Y 1 A GLU 70 ? A GLU 1  
2 1 Y 1 A SCH 99 ? A SCH 30 
# 
loop_
_chem_comp_atom.comp_id 
_chem_comp_atom.atom_id 
_chem_comp_atom.type_symbol 
_chem_comp_atom.pdbx_aromatic_flag 
_chem_comp_atom.pdbx_stereo_config 
_chem_comp_atom.pdbx_ordinal 
ALA N    N N N 1   
ALA CA   C N S 2   
ALA C    C N N 3   
ALA O    O N N 4   
ALA CB   C N N 5   
ALA OXT  O N N 6   
ALA H    H N N 7   
ALA H2   H N N 8   
ALA HA   H N N 9   
ALA HB1  H N N 10  
ALA HB2  H N N 11  
ALA HB3  H N N 12  
ALA HXT  H N N 13  
ARG N    N N N 14  
ARG CA   C N S 15  
ARG C    C N N 16  
ARG O    O N N 17  
ARG CB   C N N 18  
ARG CG   C N N 19  
ARG CD   C N N 20  
ARG NE   N N N 21  
ARG CZ   C N N 22  
ARG NH1  N N N 23  
ARG NH2  N N N 24  
ARG OXT  O N N 25  
ARG H    H N N 26  
ARG H2   H N N 27  
ARG HA   H N N 28  
ARG HB2  H N N 29  
ARG HB3  H N N 30  
ARG HG2  H N N 31  
ARG HG3  H N N 32  
ARG HD2  H N N 33  
ARG HD3  H N N 34  
ARG HE   H N N 35  
ARG HH11 H N N 36  
ARG HH12 H N N 37  
ARG HH21 H N N 38  
ARG HH22 H N N 39  
ARG HXT  H N N 40  
GLU N    N N N 41  
GLU CA   C N S 42  
GLU C    C N N 43  
GLU O    O N N 44  
GLU CB   C N N 45  
GLU CG   C N N 46  
GLU CD   C N N 47  
GLU OE1  O N N 48  
GLU OE2  O N N 49  
GLU OXT  O N N 50  
GLU H    H N N 51  
GLU H2   H N N 52  
GLU HA   H N N 53  
GLU HB2  H N N 54  
GLU HB3  H N N 55  
GLU HG2  H N N 56  
GLU HG3  H N N 57  
GLU HE2  H N N 58  
GLU HXT  H N N 59  
GLY N    N N N 60  
GLY CA   C N N 61  
GLY C    C N N 62  
GLY O    O N N 63  
GLY OXT  O N N 64  
GLY H    H N N 65  
GLY H2   H N N 66  
GLY HA2  H N N 67  
GLY HA3  H N N 68  
GLY HXT  H N N 69  
ILE N    N N N 70  
ILE CA   C N S 71  
ILE C    C N N 72  
ILE O    O N N 73  
ILE CB   C N S 74  
ILE CG1  C N N 75  
ILE CG2  C N N 76  
ILE CD1  C N N 77  
ILE OXT  O N N 78  
ILE H    H N N 79  
ILE H2   H N N 80  
ILE HA   H N N 81  
ILE HB   H N N 82  
ILE HG12 H N N 83  
ILE HG13 H N N 84  
ILE HG21 H N N 85  
ILE HG22 H N N 86  
ILE HG23 H N N 87  
ILE HD11 H N N 88  
ILE HD12 H N N 89  
ILE HD13 H N N 90  
ILE HXT  H N N 91  
LEU N    N N N 92  
LEU CA   C N S 93  
LEU C    C N N 94  
LEU O    O N N 95  
LEU CB   C N N 96  
LEU CG   C N N 97  
LEU CD1  C N N 98  
LEU CD2  C N N 99  
LEU OXT  O N N 100 
LEU H    H N N 101 
LEU H2   H N N 102 
LEU HA   H N N 103 
LEU HB2  H N N 104 
LEU HB3  H N N 105 
LEU HG   H N N 106 
LEU HD11 H N N 107 
LEU HD12 H N N 108 
LEU HD13 H N N 109 
LEU HD21 H N N 110 
LEU HD22 H N N 111 
LEU HD23 H N N 112 
LEU HXT  H N N 113 
MET N    N N N 114 
MET CA   C N S 115 
MET C    C N N 116 
MET O    O N N 117 
MET CB   C N N 118 
MET CG   C N N 119 
MET SD   S N N 120 
MET CE   C N N 121 
MET OXT  O N N 122 
MET H    H N N 123 
MET H2   H N N 124 
MET HA   H N N 125 
MET HB2  H N N 126 
MET HB3  H N N 127 
MET HG2  H N N 128 
MET HG3  H N N 129 
MET HE1  H N N 130 
MET HE2  H N N 131 
MET HE3  H N N 132 
MET HXT  H N N 133 
PHE N    N N N 134 
PHE CA   C N S 135 
PHE C    C N N 136 
PHE O    O N N 137 
PHE CB   C N N 138 
PHE CG   C Y N 139 
PHE CD1  C Y N 140 
PHE CD2  C Y N 141 
PHE CE1  C Y N 142 
PHE CE2  C Y N 143 
PHE CZ   C Y N 144 
PHE OXT  O N N 145 
PHE H    H N N 146 
PHE H2   H N N 147 
PHE HA   H N N 148 
PHE HB2  H N N 149 
PHE HB3  H N N 150 
PHE HD1  H N N 151 
PHE HD2  H N N 152 
PHE HE1  H N N 153 
PHE HE2  H N N 154 
PHE HZ   H N N 155 
PHE HXT  H N N 156 
PRO N    N N N 157 
PRO CA   C N S 158 
PRO C    C N N 159 
PRO O    O N N 160 
PRO CB   C N N 161 
PRO CG   C N N 162 
PRO CD   C N N 163 
PRO OXT  O N N 164 
PRO H    H N N 165 
PRO HA   H N N 166 
PRO HB2  H N N 167 
PRO HB3  H N N 168 
PRO HG2  H N N 169 
PRO HG3  H N N 170 
PRO HD2  H N N 171 
PRO HD3  H N N 172 
PRO HXT  H N N 173 
SCH N    N N N 174 
SCH CA   C N R 175 
SCH CB   C N N 176 
SCH SG   S N N 177 
SCH SD   S N N 178 
SCH CE   C N N 179 
SCH C    C N N 180 
SCH O    O N N 181 
SCH OXT  O N N 182 
SCH H    H N N 183 
SCH H2   H N N 184 
SCH HA   H N N 185 
SCH HB2  H N N 186 
SCH HB3  H N N 187 
SCH HE1  H N N 188 
SCH HE2  H N N 189 
SCH HE3  H N N 190 
SCH HXT  H N N 191 
SER N    N N N 192 
SER CA   C N S 193 
SER C    C N N 194 
SER O    O N N 195 
SER CB   C N N 196 
SER OG   O N N 197 
SER OXT  O N N 198 
SER H    H N N 199 
SER H2   H N N 200 
SER HA   H N N 201 
SER HB2  H N N 202 
SER HB3  H N N 203 
SER HG   H N N 204 
SER HXT  H N N 205 
THR N    N N N 206 
THR CA   C N S 207 
THR C    C N N 208 
THR O    O N N 209 
THR CB   C N R 210 
THR OG1  O N N 211 
THR CG2  C N N 212 
THR OXT  O N N 213 
THR H    H N N 214 
THR H2   H N N 215 
THR HA   H N N 216 
THR HB   H N N 217 
THR HG1  H N N 218 
THR HG21 H N N 219 
THR HG22 H N N 220 
THR HG23 H N N 221 
THR HXT  H N N 222 
TYR N    N N N 223 
TYR CA   C N S 224 
TYR C    C N N 225 
TYR O    O N N 226 
TYR CB   C N N 227 
TYR CG   C Y N 228 
TYR CD1  C Y N 229 
TYR CD2  C Y N 230 
TYR CE1  C Y N 231 
TYR CE2  C Y N 232 
TYR CZ   C Y N 233 
TYR OH   O N N 234 
TYR OXT  O N N 235 
TYR H    H N N 236 
TYR H2   H N N 237 
TYR HA   H N N 238 
TYR HB2  H N N 239 
TYR HB3  H N N 240 
TYR HD1  H N N 241 
TYR HD2  H N N 242 
TYR HE1  H N N 243 
TYR HE2  H N N 244 
TYR HH   H N N 245 
TYR HXT  H N N 246 
VAL N    N N N 247 
VAL CA   C N S 248 
VAL C    C N N 249 
VAL O    O N N 250 
VAL CB   C N N 251 
VAL CG1  C N N 252 
VAL CG2  C N N 253 
VAL OXT  O N N 254 
VAL H    H N N 255 
VAL H2   H N N 256 
VAL HA   H N N 257 
VAL HB   H N N 258 
VAL HG11 H N N 259 
VAL HG12 H N N 260 
VAL HG13 H N N 261 
VAL HG21 H N N 262 
VAL HG22 H N N 263 
VAL HG23 H N N 264 
VAL HXT  H N N 265 
# 
loop_
_chem_comp_bond.comp_id 
_chem_comp_bond.atom_id_1 
_chem_comp_bond.atom_id_2 
_chem_comp_bond.value_order 
_chem_comp_bond.pdbx_aromatic_flag 
_chem_comp_bond.pdbx_stereo_config 
_chem_comp_bond.pdbx_ordinal 
ALA N   CA   sing N N 1   
ALA N   H    sing N N 2   
ALA N   H2   sing N N 3   
ALA CA  C    sing N N 4   
ALA CA  CB   sing N N 5   
ALA CA  HA   sing N N 6   
ALA C   O    doub N N 7   
ALA C   OXT  sing N N 8   
ALA CB  HB1  sing N N 9   
ALA CB  HB2  sing N N 10  
ALA CB  HB3  sing N N 11  
ALA OXT HXT  sing N N 12  
ARG N   CA   sing N N 13  
ARG N   H    sing N N 14  
ARG N   H2   sing N N 15  
ARG CA  C    sing N N 16  
ARG CA  CB   sing N N 17  
ARG CA  HA   sing N N 18  
ARG C   O    doub N N 19  
ARG C   OXT  sing N N 20  
ARG CB  CG   sing N N 21  
ARG CB  HB2  sing N N 22  
ARG CB  HB3  sing N N 23  
ARG CG  CD   sing N N 24  
ARG CG  HG2  sing N N 25  
ARG CG  HG3  sing N N 26  
ARG CD  NE   sing N N 27  
ARG CD  HD2  sing N N 28  
ARG CD  HD3  sing N N 29  
ARG NE  CZ   sing N N 30  
ARG NE  HE   sing N N 31  
ARG CZ  NH1  sing N N 32  
ARG CZ  NH2  doub N N 33  
ARG NH1 HH11 sing N N 34  
ARG NH1 HH12 sing N N 35  
ARG NH2 HH21 sing N N 36  
ARG NH2 HH22 sing N N 37  
ARG OXT HXT  sing N N 38  
GLU N   CA   sing N N 39  
GLU N   H    sing N N 40  
GLU N   H2   sing N N 41  
GLU CA  C    sing N N 42  
GLU CA  CB   sing N N 43  
GLU CA  HA   sing N N 44  
GLU C   O    doub N N 45  
GLU C   OXT  sing N N 46  
GLU CB  CG   sing N N 47  
GLU CB  HB2  sing N N 48  
GLU CB  HB3  sing N N 49  
GLU CG  CD   sing N N 50  
GLU CG  HG2  sing N N 51  
GLU CG  HG3  sing N N 52  
GLU CD  OE1  doub N N 53  
GLU CD  OE2  sing N N 54  
GLU OE2 HE2  sing N N 55  
GLU OXT HXT  sing N N 56  
GLY N   CA   sing N N 57  
GLY N   H    sing N N 58  
GLY N   H2   sing N N 59  
GLY CA  C    sing N N 60  
GLY CA  HA2  sing N N 61  
GLY CA  HA3  sing N N 62  
GLY C   O    doub N N 63  
GLY C   OXT  sing N N 64  
GLY OXT HXT  sing N N 65  
ILE N   CA   sing N N 66  
ILE N   H    sing N N 67  
ILE N   H2   sing N N 68  
ILE CA  C    sing N N 69  
ILE CA  CB   sing N N 70  
ILE CA  HA   sing N N 71  
ILE C   O    doub N N 72  
ILE C   OXT  sing N N 73  
ILE CB  CG1  sing N N 74  
ILE CB  CG2  sing N N 75  
ILE CB  HB   sing N N 76  
ILE CG1 CD1  sing N N 77  
ILE CG1 HG12 sing N N 78  
ILE CG1 HG13 sing N N 79  
ILE CG2 HG21 sing N N 80  
ILE CG2 HG22 sing N N 81  
ILE CG2 HG23 sing N N 82  
ILE CD1 HD11 sing N N 83  
ILE CD1 HD12 sing N N 84  
ILE CD1 HD13 sing N N 85  
ILE OXT HXT  sing N N 86  
LEU N   CA   sing N N 87  
LEU N   H    sing N N 88  
LEU N   H2   sing N N 89  
LEU CA  C    sing N N 90  
LEU CA  CB   sing N N 91  
LEU CA  HA   sing N N 92  
LEU C   O    doub N N 93  
LEU C   OXT  sing N N 94  
LEU CB  CG   sing N N 95  
LEU CB  HB2  sing N N 96  
LEU CB  HB3  sing N N 97  
LEU CG  CD1  sing N N 98  
LEU CG  CD2  sing N N 99  
LEU CG  HG   sing N N 100 
LEU CD1 HD11 sing N N 101 
LEU CD1 HD12 sing N N 102 
LEU CD1 HD13 sing N N 103 
LEU CD2 HD21 sing N N 104 
LEU CD2 HD22 sing N N 105 
LEU CD2 HD23 sing N N 106 
LEU OXT HXT  sing N N 107 
MET N   CA   sing N N 108 
MET N   H    sing N N 109 
MET N   H2   sing N N 110 
MET CA  C    sing N N 111 
MET CA  CB   sing N N 112 
MET CA  HA   sing N N 113 
MET C   O    doub N N 114 
MET C   OXT  sing N N 115 
MET CB  CG   sing N N 116 
MET CB  HB2  sing N N 117 
MET CB  HB3  sing N N 118 
MET CG  SD   sing N N 119 
MET CG  HG2  sing N N 120 
MET CG  HG3  sing N N 121 
MET SD  CE   sing N N 122 
MET CE  HE1  sing N N 123 
MET CE  HE2  sing N N 124 
MET CE  HE3  sing N N 125 
MET OXT HXT  sing N N 126 
PHE N   CA   sing N N 127 
PHE N   H    sing N N 128 
PHE N   H2   sing N N 129 
PHE CA  C    sing N N 130 
PHE CA  CB   sing N N 131 
PHE CA  HA   sing N N 132 
PHE C   O    doub N N 133 
PHE C   OXT  sing N N 134 
PHE CB  CG   sing N N 135 
PHE CB  HB2  sing N N 136 
PHE CB  HB3  sing N N 137 
PHE CG  CD1  doub Y N 138 
PHE CG  CD2  sing Y N 139 
PHE CD1 CE1  sing Y N 140 
PHE CD1 HD1  sing N N 141 
PHE CD2 CE2  doub Y N 142 
PHE CD2 HD2  sing N N 143 
PHE CE1 CZ   doub Y N 144 
PHE CE1 HE1  sing N N 145 
PHE CE2 CZ   sing Y N 146 
PHE CE2 HE2  sing N N 147 
PHE CZ  HZ   sing N N 148 
PHE OXT HXT  sing N N 149 
PRO N   CA   sing N N 150 
PRO N   CD   sing N N 151 
PRO N   H    sing N N 152 
PRO CA  C    sing N N 153 
PRO CA  CB   sing N N 154 
PRO CA  HA   sing N N 155 
PRO C   O    doub N N 156 
PRO C   OXT  sing N N 157 
PRO CB  CG   sing N N 158 
PRO CB  HB2  sing N N 159 
PRO CB  HB3  sing N N 160 
PRO CG  CD   sing N N 161 
PRO CG  HG2  sing N N 162 
PRO CG  HG3  sing N N 163 
PRO CD  HD2  sing N N 164 
PRO CD  HD3  sing N N 165 
PRO OXT HXT  sing N N 166 
SCH N   CA   sing N N 167 
SCH N   H    sing N N 168 
SCH N   H2   sing N N 169 
SCH CA  CB   sing N N 170 
SCH CA  C    sing N N 171 
SCH CA  HA   sing N N 172 
SCH CB  SG   sing N N 173 
SCH CB  HB2  sing N N 174 
SCH CB  HB3  sing N N 175 
SCH SG  SD   sing N N 176 
SCH SD  CE   sing N N 177 
SCH CE  HE1  sing N N 178 
SCH CE  HE2  sing N N 179 
SCH CE  HE3  sing N N 180 
SCH C   O    doub N N 181 
SCH C   OXT  sing N N 182 
SCH OXT HXT  sing N N 183 
SER N   CA   sing N N 184 
SER N   H    sing N N 185 
SER N   H2   sing N N 186 
SER CA  C    sing N N 187 
SER CA  CB   sing N N 188 
SER CA  HA   sing N N 189 
SER C   O    doub N N 190 
SER C   OXT  sing N N 191 
SER CB  OG   sing N N 192 
SER CB  HB2  sing N N 193 
SER CB  HB3  sing N N 194 
SER OG  HG   sing N N 195 
SER OXT HXT  sing N N 196 
THR N   CA   sing N N 197 
THR N   H    sing N N 198 
THR N   H2   sing N N 199 
THR CA  C    sing N N 200 
THR CA  CB   sing N N 201 
THR CA  HA   sing N N 202 
THR C   O    doub N N 203 
THR C   OXT  sing N N 204 
THR CB  OG1  sing N N 205 
THR CB  CG2  sing N N 206 
THR CB  HB   sing N N 207 
THR OG1 HG1  sing N N 208 
THR CG2 HG21 sing N N 209 
THR CG2 HG22 sing N N 210 
THR CG2 HG23 sing N N 211 
THR OXT HXT  sing N N 212 
TYR N   CA   sing N N 213 
TYR N   H    sing N N 214 
TYR N   H2   sing N N 215 
TYR CA  C    sing N N 216 
TYR CA  CB   sing N N 217 
TYR CA  HA   sing N N 218 
TYR C   O    doub N N 219 
TYR C   OXT  sing N N 220 
TYR CB  CG   sing N N 221 
TYR CB  HB2  sing N N 222 
TYR CB  HB3  sing N N 223 
TYR CG  CD1  doub Y N 224 
TYR CG  CD2  sing Y N 225 
TYR CD1 CE1  sing Y N 226 
TYR CD1 HD1  sing N N 227 
TYR CD2 CE2  doub Y N 228 
TYR CD2 HD2  sing N N 229 
TYR CE1 CZ   doub Y N 230 
TYR CE1 HE1  sing N N 231 
TYR CE2 CZ   sing Y N 232 
TYR CE2 HE2  sing N N 233 
TYR CZ  OH   sing N N 234 
TYR OH  HH   sing N N 235 
TYR OXT HXT  sing N N 236 
VAL N   CA   sing N N 237 
VAL N   H    sing N N 238 
VAL N   H2   sing N N 239 
VAL CA  C    sing N N 240 
VAL CA  CB   sing N N 241 
VAL CA  HA   sing N N 242 
VAL C   O    doub N N 243 
VAL C   OXT  sing N N 244 
VAL CB  CG1  sing N N 245 
VAL CB  CG2  sing N N 246 
VAL CB  HB   sing N N 247 
VAL CG1 HG11 sing N N 248 
VAL CG1 HG12 sing N N 249 
VAL CG1 HG13 sing N N 250 
VAL CG2 HG21 sing N N 251 
VAL CG2 HG22 sing N N 252 
VAL CG2 HG23 sing N N 253 
VAL OXT HXT  sing N N 254 
# 
loop_
_pdbx_audit_support.funding_organization 
_pdbx_audit_support.country 
_pdbx_audit_support.grant_number 
_pdbx_audit_support.ordinal 
'National Health and Medical Research Council (NHMRC, Australia)' Australia GNT1030902  1 
'Australian Research Council (ARC)'                               Australia FT120100145 2 
'Australian Research Council (ARC)'                               Australia DP11010436  3 
# 
_pdbx_initial_refinement_model.id               1 
_pdbx_initial_refinement_model.entity_id_list   ? 
_pdbx_initial_refinement_model.type             'experimental model' 
_pdbx_initial_refinement_model.source_name      PDB 
_pdbx_initial_refinement_model.accession_code   4WOL 
_pdbx_initial_refinement_model.details          ? 
# 
